data_8XP4
#
_entry.id   8XP4
#
_cell.length_a   130.337
_cell.length_b   90.469
_cell.length_c   107.201
_cell.angle_alpha   90.000
_cell.angle_beta   90.000
_cell.angle_gamma   90.000
#
_symmetry.space_group_name_H-M   'P 21 21 21'
#
loop_
_entity.id
_entity.type
_entity.pdbx_description
1 polymer 'Lysine--tRNA ligase'
2 non-polymer N(6)-ACETYLLYSINE
3 water water
#
_entity_poly.entity_id   1
_entity_poly.type   'polypeptide(L)'
_entity_poly.pdbx_seq_one_letter_code
;MSVDPNQYYKIRSQAIHQLKVNGEDPYPHKFHVDISLTDFIQKYSHLQPGDHLTDITLKVAGRIHAKRASGGKLIFYDLR
GEGVKLQVMANSRNYKSEEEFIHINNKLRRGDIIGVQGNPGKTKKGELSIIPYEITLLSPCLHMLPHLHFGLKDKETRYR
QRYLDLILNDFVRQKFIIRSKIITYIRSFLDELGFLEIETPMMNIIPGGAVAKPFITYHNELDMNLYMRIAPELYHKMLV
VGGIDRVYEIGRQFRNEGIDLTHNPEFTTCEFYMAYADYHDLMEITEKMVSGMVKHITGSYKVTYHPDGPEGQAYDVDFT
PPFRRINMVEELEKALGMKLPETNLFETEETRKILDDICVAKAVECPPPRTTARLLDKLVGEFLEVTCINPTFICDHPQI
MSPLAKWHRSKEGLTERFELFVMKKEICNAYTELNDPMRQRQLFEEQAKAKAAGDDEAMFIDENFCTALEYGLPPTAGWG
MGIDRVAMFLTDSNNIKEVLLFPAMKPEDKKELEHHHHHH
;
_entity_poly.pdbx_strand_id   A,B
#
# COMPACT_ATOMS: atom_id res chain seq x y z
N ASP A 4 -43.51 6.50 -5.81
CA ASP A 4 -42.37 5.63 -6.07
C ASP A 4 -41.06 6.39 -5.96
N PRO A 5 -39.93 5.68 -5.90
CA PRO A 5 -38.64 6.37 -5.77
C PRO A 5 -38.31 7.28 -6.93
N ASN A 6 -38.72 6.92 -8.15
CA ASN A 6 -38.41 7.74 -9.31
C ASN A 6 -39.17 9.07 -9.26
N GLN A 7 -40.44 9.04 -8.86
CA GLN A 7 -41.20 10.28 -8.74
C GLN A 7 -40.61 11.18 -7.66
N TYR A 8 -40.25 10.61 -6.50
CA TYR A 8 -39.62 11.40 -5.46
C TYR A 8 -38.35 12.07 -5.99
N TYR A 9 -37.57 11.35 -6.80
CA TYR A 9 -36.36 11.93 -7.36
C TYR A 9 -36.67 13.07 -8.32
N LYS A 10 -37.69 12.89 -9.18
CA LYS A 10 -38.04 13.95 -10.13
C LYS A 10 -38.54 15.19 -9.40
N ILE A 11 -39.32 14.99 -8.34
CA ILE A 11 -39.86 16.13 -7.59
C ILE A 11 -38.74 16.89 -6.89
N ARG A 12 -37.85 16.16 -6.22
CA ARG A 12 -36.81 16.82 -5.43
C ARG A 12 -35.81 17.53 -6.34
N SER A 13 -35.43 16.91 -7.45
CA SER A 13 -34.50 17.57 -8.36
C SER A 13 -35.08 18.87 -8.89
N GLN A 14 -36.40 18.89 -9.12
CA GLN A 14 -37.05 20.13 -9.55
C GLN A 14 -36.98 21.19 -8.47
N ALA A 15 -37.26 20.81 -7.21
CA ALA A 15 -37.20 21.79 -6.13
C ALA A 15 -35.81 22.35 -5.97
N ILE A 16 -34.78 21.54 -6.23
CA ILE A 16 -33.40 22.00 -6.12
C ILE A 16 -33.05 22.92 -7.29
N HIS A 17 -33.49 22.55 -8.50
CA HIS A 17 -33.31 23.44 -9.65
C HIS A 17 -33.98 24.78 -9.39
N GLN A 18 -35.17 24.77 -8.78
CA GLN A 18 -35.85 26.03 -8.49
C GLN A 18 -35.09 26.85 -7.46
N LEU A 19 -34.47 26.19 -6.48
CA LEU A 19 -33.66 26.91 -5.51
C LEU A 19 -32.50 27.62 -6.19
N LYS A 20 -31.98 27.06 -7.29
CA LYS A 20 -30.89 27.69 -8.00
C LYS A 20 -31.34 28.95 -8.73
N VAL A 21 -32.42 28.84 -9.52
CA VAL A 21 -32.89 30.01 -10.27
C VAL A 21 -33.27 31.13 -9.31
N ASN A 22 -33.70 30.79 -8.09
CA ASN A 22 -34.01 31.77 -7.07
C ASN A 22 -32.78 32.30 -6.35
N GLY A 23 -31.59 31.94 -6.80
CA GLY A 23 -30.38 32.42 -6.17
C GLY A 23 -30.08 31.82 -4.82
N GLU A 24 -30.55 30.58 -4.59
CA GLU A 24 -30.32 29.88 -3.34
C GLU A 24 -29.67 28.52 -3.60
N ASP A 25 -28.87 28.44 -4.68
CA ASP A 25 -28.05 27.29 -4.98
C ASP A 25 -27.37 26.79 -3.71
N PRO A 26 -27.67 25.58 -3.25
CA PRO A 26 -27.03 25.10 -2.00
C PRO A 26 -25.56 24.74 -2.19
N TYR A 27 -25.15 24.33 -3.39
CA TYR A 27 -23.84 23.72 -3.54
C TYR A 27 -22.68 24.72 -3.54
N PRO A 28 -22.82 25.90 -4.16
CA PRO A 28 -21.69 26.86 -4.14
C PRO A 28 -21.23 27.24 -2.75
N HIS A 29 -21.99 26.88 -1.71
CA HIS A 29 -21.59 27.19 -0.34
C HIS A 29 -20.41 26.32 0.10
N LYS A 30 -19.51 26.92 0.87
CA LYS A 30 -18.47 26.21 1.60
C LYS A 30 -18.71 26.43 3.09
N PHE A 31 -18.58 25.38 3.88
CA PHE A 31 -18.89 25.43 5.30
C PHE A 31 -17.68 25.02 6.12
N HIS A 32 -17.29 25.88 7.06
CA HIS A 32 -16.14 25.63 7.93
C HIS A 32 -16.64 25.22 9.30
N VAL A 33 -16.44 23.96 9.65
CA VAL A 33 -16.83 23.45 10.95
C VAL A 33 -15.83 23.94 12.00
N ASP A 34 -16.35 24.36 13.15
CA ASP A 34 -15.50 24.74 14.27
C ASP A 34 -15.21 23.58 15.21
N ILE A 35 -16.05 22.56 15.22
CA ILE A 35 -15.90 21.41 16.10
C ILE A 35 -16.58 20.23 15.45
N SER A 36 -15.93 19.06 15.50
CA SER A 36 -16.56 17.84 15.03
C SER A 36 -17.77 17.52 15.90
N LEU A 37 -18.65 16.68 15.36
CA LEU A 37 -19.75 16.17 16.18
C LEU A 37 -19.24 15.34 17.34
N THR A 38 -18.19 14.54 17.10
CA THR A 38 -17.62 13.71 18.16
C THR A 38 -17.07 14.57 19.29
N ASP A 39 -16.40 15.66 18.95
CA ASP A 39 -15.85 16.55 19.99
C ASP A 39 -16.95 17.39 20.63
N PHE A 40 -17.91 17.87 19.84
CA PHE A 40 -19.04 18.61 20.40
C PHE A 40 -19.70 17.81 21.53
N ILE A 41 -19.86 16.50 21.32
CA ILE A 41 -20.42 15.64 22.36
C ILE A 41 -19.51 15.65 23.59
N GLN A 42 -18.24 15.28 23.39
CA GLN A 42 -17.30 15.19 24.51
C GLN A 42 -17.40 16.42 25.41
N LYS A 43 -17.30 17.61 24.81
CA LYS A 43 -17.13 18.83 25.60
C LYS A 43 -18.41 19.20 26.34
N TYR A 44 -19.56 18.99 25.71
CA TYR A 44 -20.83 19.51 26.20
C TYR A 44 -21.77 18.41 26.67
N SER A 45 -21.30 17.18 26.79
CA SER A 45 -22.10 16.11 27.34
C SER A 45 -22.24 16.20 28.86
N HIS A 46 -21.47 17.07 29.51
CA HIS A 46 -21.53 17.21 30.96
C HIS A 46 -22.65 18.15 31.41
N LEU A 47 -23.25 18.90 30.50
CA LEU A 47 -24.29 19.85 30.87
C LEU A 47 -25.53 19.12 31.38
N GLN A 48 -26.17 19.69 32.39
CA GLN A 48 -27.34 19.09 32.99
C GLN A 48 -28.60 19.49 32.20
N PRO A 49 -29.69 18.75 32.39
CA PRO A 49 -30.91 19.05 31.63
C PRO A 49 -31.35 20.51 31.80
N GLY A 50 -31.82 21.09 30.70
CA GLY A 50 -32.25 22.48 30.69
C GLY A 50 -31.17 23.50 30.43
N ASP A 51 -29.92 23.07 30.36
CA ASP A 51 -28.83 24.01 30.10
C ASP A 51 -28.97 24.64 28.73
N HIS A 52 -28.48 25.88 28.61
CA HIS A 52 -28.49 26.60 27.34
C HIS A 52 -27.36 27.63 27.41
N LEU A 53 -26.25 27.34 26.73
CA LEU A 53 -25.08 28.21 26.77
C LEU A 53 -25.23 29.28 25.69
N THR A 54 -25.98 30.32 26.04
CA THR A 54 -26.27 31.38 25.07
C THR A 54 -25.00 32.04 24.56
N ASP A 55 -23.93 32.06 25.37
CA ASP A 55 -22.76 32.84 24.99
C ASP A 55 -21.96 32.19 23.87
N ILE A 56 -22.00 30.86 23.78
CA ILE A 56 -21.14 30.12 22.85
C ILE A 56 -21.90 29.82 21.57
N THR A 57 -21.33 30.21 20.44
CA THR A 57 -21.85 29.88 19.12
C THR A 57 -20.79 29.05 18.39
N LEU A 58 -21.20 27.89 17.88
CA LEU A 58 -20.30 26.99 17.19
C LEU A 58 -20.95 26.50 15.90
N LYS A 59 -20.12 26.02 14.98
CA LYS A 59 -20.56 25.50 13.71
C LYS A 59 -20.30 24.00 13.66
N VAL A 60 -21.36 23.22 13.47
CA VAL A 60 -21.26 21.79 13.24
C VAL A 60 -21.95 21.48 11.92
N ALA A 61 -21.59 20.34 11.34
CA ALA A 61 -22.19 19.89 10.10
C ALA A 61 -22.49 18.39 10.20
N GLY A 62 -23.36 17.92 9.32
CA GLY A 62 -23.73 16.52 9.32
C GLY A 62 -24.88 16.28 8.37
N ARG A 63 -25.41 15.06 8.44
CA ARG A 63 -26.48 14.62 7.55
C ARG A 63 -27.75 14.40 8.35
N ILE A 64 -28.86 14.95 7.84
CA ILE A 64 -30.14 14.82 8.53
C ILE A 64 -30.68 13.42 8.31
N HIS A 65 -30.88 12.68 9.40
CA HIS A 65 -31.48 11.36 9.31
C HIS A 65 -32.92 11.32 9.81
N ALA A 66 -33.34 12.27 10.66
CA ALA A 66 -34.70 12.31 11.16
C ALA A 66 -35.15 13.76 11.32
N LYS A 67 -36.42 14.02 11.02
CA LYS A 67 -36.98 15.36 11.13
C LYS A 67 -38.39 15.22 11.71
N ARG A 68 -38.56 15.65 12.96
CA ARG A 68 -39.81 15.49 13.70
C ARG A 68 -40.29 16.86 14.14
N ALA A 69 -41.46 17.26 13.66
CA ALA A 69 -42.00 18.58 13.94
C ALA A 69 -42.67 18.62 15.31
N SER A 70 -43.01 19.82 15.75
CA SER A 70 -43.67 19.99 17.04
C SER A 70 -44.54 21.25 17.03
N GLY A 71 -45.20 21.52 15.91
CA GLY A 71 -46.21 22.56 15.82
C GLY A 71 -45.92 23.65 14.81
N GLY A 72 -44.67 23.84 14.42
CA GLY A 72 -44.28 24.92 13.53
C GLY A 72 -43.39 25.95 14.18
N LYS A 73 -43.36 26.00 15.51
CA LYS A 73 -42.40 26.81 16.24
C LYS A 73 -41.17 26.02 16.65
N LEU A 74 -41.17 24.70 16.50
CA LEU A 74 -40.09 23.86 16.98
C LEU A 74 -39.98 22.63 16.09
N ILE A 75 -38.79 22.40 15.55
CA ILE A 75 -38.49 21.21 14.76
C ILE A 75 -37.22 20.59 15.30
N PHE A 76 -37.22 19.26 15.42
CA PHE A 76 -36.07 18.51 15.90
C PHE A 76 -35.47 17.72 14.74
N TYR A 77 -34.15 17.81 14.60
CA TYR A 77 -33.41 17.08 13.58
C TYR A 77 -32.44 16.10 14.23
N ASP A 78 -32.34 14.92 13.67
CA ASP A 78 -31.33 13.94 14.07
C ASP A 78 -30.14 14.12 13.13
N LEU A 79 -29.16 14.90 13.58
CA LEU A 79 -27.97 15.20 12.79
C LEU A 79 -26.95 14.09 13.01
N ARG A 80 -26.51 13.46 11.93
CA ARG A 80 -25.64 12.29 11.99
C ARG A 80 -24.30 12.57 11.32
N GLY A 81 -23.25 11.97 11.86
CA GLY A 81 -21.94 12.07 11.26
C GLY A 81 -20.88 11.36 12.09
N GLU A 82 -19.87 10.81 11.44
CA GLU A 82 -18.73 10.19 12.12
C GLU A 82 -19.18 9.05 13.04
N GLY A 83 -20.39 8.53 12.83
CA GLY A 83 -20.89 7.46 13.67
C GLY A 83 -21.55 7.90 14.96
N VAL A 84 -21.82 9.18 15.13
CA VAL A 84 -22.48 9.69 16.33
C VAL A 84 -23.78 10.39 15.90
N LYS A 85 -24.60 10.69 16.90
CA LYS A 85 -25.85 11.42 16.71
C LYS A 85 -25.83 12.70 17.53
N LEU A 86 -26.51 13.72 17.03
CA LEU A 86 -26.64 14.98 17.76
C LEU A 86 -27.95 15.65 17.37
N GLN A 87 -28.77 15.97 18.37
CA GLN A 87 -30.06 16.57 18.11
C GLN A 87 -29.91 18.06 17.83
N VAL A 88 -30.59 18.53 16.79
CA VAL A 88 -30.70 19.95 16.48
C VAL A 88 -32.10 20.39 16.87
N MET A 89 -32.21 21.24 17.88
CA MET A 89 -33.49 21.73 18.35
C MET A 89 -33.73 23.11 17.75
N ALA A 90 -34.40 23.13 16.60
CA ALA A 90 -34.68 24.38 15.88
C ALA A 90 -35.87 25.07 16.53
N ASN A 91 -35.60 26.06 17.38
CA ASN A 91 -36.62 26.85 18.05
C ASN A 91 -36.79 28.17 17.30
N SER A 92 -38.00 28.42 16.79
CA SER A 92 -38.24 29.61 15.98
C SER A 92 -37.79 30.87 16.70
N ARG A 93 -37.95 30.93 18.02
CA ARG A 93 -37.54 32.11 18.76
C ARG A 93 -36.04 32.35 18.62
N ASN A 94 -35.24 31.28 18.67
CA ASN A 94 -33.80 31.39 18.70
C ASN A 94 -33.17 31.51 17.32
N TYR A 95 -33.95 31.36 16.25
CA TYR A 95 -33.42 31.46 14.91
C TYR A 95 -33.21 32.93 14.54
N LYS A 96 -32.47 33.15 13.44
CA LYS A 96 -32.15 34.50 13.00
C LYS A 96 -33.41 35.35 12.90
N SER A 97 -34.45 34.81 12.26
CA SER A 97 -35.75 35.48 12.18
C SER A 97 -36.81 34.41 12.02
N GLU A 98 -38.06 34.80 12.28
CA GLU A 98 -39.17 33.86 12.11
C GLU A 98 -39.36 33.49 10.64
N GLU A 99 -39.22 34.48 9.75
CA GLU A 99 -39.41 34.25 8.33
C GLU A 99 -38.34 33.31 7.78
N GLU A 100 -37.09 33.51 8.19
CA GLU A 100 -36.00 32.66 7.71
C GLU A 100 -35.96 31.31 8.41
N PHE A 101 -36.59 31.21 9.58
CA PHE A 101 -36.73 29.90 10.23
C PHE A 101 -37.73 29.03 9.48
N ILE A 102 -38.86 29.60 9.06
CA ILE A 102 -39.84 28.87 8.27
C ILE A 102 -39.25 28.47 6.92
N HIS A 103 -38.48 29.37 6.32
CA HIS A 103 -37.99 29.16 4.96
C HIS A 103 -37.03 27.99 4.88
N ILE A 104 -36.12 27.87 5.85
CA ILE A 104 -35.15 26.77 5.79
C ILE A 104 -35.82 25.44 6.09
N ASN A 105 -36.78 25.42 7.01
CA ASN A 105 -37.46 24.17 7.33
C ASN A 105 -38.29 23.67 6.16
N ASN A 106 -38.82 24.57 5.35
CA ASN A 106 -39.63 24.14 4.21
C ASN A 106 -38.82 23.36 3.19
N LYS A 107 -37.54 23.70 3.02
CA LYS A 107 -36.74 23.10 1.97
C LYS A 107 -36.03 21.82 2.41
N LEU A 108 -35.75 21.68 3.70
CA LEU A 108 -34.96 20.56 4.18
C LEU A 108 -35.80 19.28 4.24
N ARG A 109 -35.17 18.16 3.87
CA ARG A 109 -35.78 16.85 3.93
C ARG A 109 -34.79 15.87 4.56
N ARG A 110 -35.31 14.68 4.90
N ARG A 110 -35.31 14.68 4.90
CA ARG A 110 -34.45 13.64 5.47
CA ARG A 110 -34.45 13.65 5.49
C ARG A 110 -33.34 13.27 4.50
C ARG A 110 -33.34 13.26 4.51
N GLY A 111 -32.12 13.17 5.02
CA GLY A 111 -30.96 12.82 4.23
C GLY A 111 -30.12 14.00 3.78
N ASP A 112 -30.64 15.21 3.86
CA ASP A 112 -29.90 16.37 3.38
C ASP A 112 -28.63 16.56 4.20
N ILE A 113 -27.60 17.08 3.55
CA ILE A 113 -26.40 17.55 4.24
C ILE A 113 -26.60 19.00 4.61
N ILE A 114 -26.38 19.34 5.87
CA ILE A 114 -26.56 20.71 6.34
C ILE A 114 -25.44 21.08 7.29
N GLY A 115 -25.17 22.37 7.37
CA GLY A 115 -24.32 22.94 8.41
C GLY A 115 -25.21 23.70 9.39
N VAL A 116 -24.86 23.64 10.66
CA VAL A 116 -25.64 24.26 11.73
C VAL A 116 -24.73 25.19 12.50
N GLN A 117 -25.20 26.41 12.72
CA GLN A 117 -24.53 27.37 13.61
C GLN A 117 -25.47 27.68 14.76
N GLY A 118 -25.04 27.39 15.98
CA GLY A 118 -25.89 27.60 17.13
C GLY A 118 -25.14 27.47 18.43
N ASN A 119 -25.90 27.33 19.51
CA ASN A 119 -25.37 27.26 20.86
C ASN A 119 -25.60 25.87 21.45
N PRO A 120 -24.65 25.34 22.23
CA PRO A 120 -24.87 24.06 22.90
C PRO A 120 -26.04 24.15 23.88
N GLY A 121 -26.58 22.98 24.23
CA GLY A 121 -27.68 22.93 25.17
C GLY A 121 -28.28 21.55 25.33
N LYS A 122 -28.92 21.31 26.47
CA LYS A 122 -29.58 20.03 26.75
C LYS A 122 -31.05 20.28 27.03
N THR A 123 -31.91 19.53 26.34
CA THR A 123 -33.34 19.73 26.46
C THR A 123 -33.82 19.34 27.86
N LYS A 124 -35.13 19.52 28.10
CA LYS A 124 -35.70 19.13 29.38
C LYS A 124 -35.62 17.62 29.57
N LYS A 125 -35.85 16.84 28.51
CA LYS A 125 -35.72 15.40 28.60
C LYS A 125 -34.26 14.96 28.74
N GLY A 126 -33.31 15.84 28.43
CA GLY A 126 -31.92 15.62 28.79
C GLY A 126 -30.99 15.17 27.69
N GLU A 127 -31.42 15.23 26.43
CA GLU A 127 -30.56 14.83 25.32
C GLU A 127 -29.82 16.06 24.79
N LEU A 128 -28.49 15.98 24.77
CA LEU A 128 -27.67 17.10 24.31
C LEU A 128 -28.12 17.56 22.93
N SER A 129 -28.07 18.87 22.71
CA SER A 129 -28.53 19.44 21.46
C SER A 129 -27.72 20.69 21.13
N ILE A 130 -27.93 21.20 19.92
CA ILE A 130 -27.42 22.49 19.48
C ILE A 130 -28.61 23.31 19.04
N ILE A 131 -28.78 24.50 19.63
CA ILE A 131 -29.90 25.37 19.34
C ILE A 131 -29.50 26.28 18.19
N PRO A 132 -30.04 26.09 16.98
CA PRO A 132 -29.47 26.78 15.81
C PRO A 132 -29.86 28.25 15.76
N TYR A 133 -28.86 29.10 15.50
CA TYR A 133 -29.09 30.46 15.06
C TYR A 133 -29.27 30.54 13.55
N GLU A 134 -28.70 29.58 12.81
CA GLU A 134 -28.85 29.53 11.36
C GLU A 134 -28.52 28.12 10.90
N ILE A 135 -29.37 27.56 10.04
CA ILE A 135 -29.14 26.27 9.40
C ILE A 135 -28.98 26.52 7.91
N THR A 136 -27.95 25.92 7.32
CA THR A 136 -27.62 26.10 5.92
C THR A 136 -27.66 24.76 5.19
N LEU A 137 -28.43 24.69 4.12
CA LEU A 137 -28.44 23.53 3.25
C LEU A 137 -27.17 23.53 2.39
N LEU A 138 -26.38 22.47 2.52
CA LEU A 138 -25.12 22.34 1.78
C LEU A 138 -25.23 21.37 0.61
N SER A 139 -25.93 20.26 0.78
CA SER A 139 -26.07 19.29 -0.30
C SER A 139 -27.31 18.45 -0.07
N PRO A 140 -28.36 18.63 -0.87
CA PRO A 140 -29.60 17.87 -0.63
C PRO A 140 -29.48 16.43 -1.09
N CYS A 141 -30.21 15.56 -0.40
CA CYS A 141 -30.38 14.18 -0.83
C CYS A 141 -31.57 14.14 -1.79
N LEU A 142 -31.30 13.88 -3.07
CA LEU A 142 -32.33 13.90 -4.08
C LEU A 142 -33.14 12.60 -4.15
N HIS A 143 -32.63 11.52 -3.56
CA HIS A 143 -33.31 10.23 -3.62
C HIS A 143 -34.01 9.93 -2.30
N MET A 144 -35.02 9.09 -2.39
CA MET A 144 -35.75 8.65 -1.20
C MET A 144 -34.97 7.55 -0.50
N LEU A 145 -34.73 7.74 0.79
CA LEU A 145 -34.07 6.76 1.64
C LEU A 145 -35.09 5.81 2.24
N PRO A 146 -34.65 4.64 2.70
CA PRO A 146 -35.58 3.73 3.37
C PRO A 146 -36.21 4.39 4.59
N HIS A 147 -37.31 3.83 5.06
CA HIS A 147 -37.89 4.29 6.32
C HIS A 147 -36.85 4.19 7.42
N LEU A 148 -36.96 5.08 8.41
CA LEU A 148 -35.92 5.33 9.39
C LEU A 148 -35.37 4.05 10.02
N HIS A 149 -36.17 3.37 10.83
CA HIS A 149 -35.66 2.15 11.49
C HIS A 149 -35.57 0.96 10.54
N PHE A 150 -36.07 1.10 9.32
CA PHE A 150 -35.75 0.16 8.26
C PHE A 150 -34.39 0.52 7.67
N GLY A 151 -33.97 -0.25 6.68
CA GLY A 151 -32.73 0.05 5.99
C GLY A 151 -32.55 -0.75 4.73
N LEU A 152 -31.32 -1.04 4.39
CA LEU A 152 -30.99 -1.92 3.27
C LEU A 152 -30.59 -3.26 3.86
N LYS A 153 -31.51 -4.22 3.83
CA LYS A 153 -31.15 -5.60 4.17
C LYS A 153 -30.58 -6.31 2.96
N ASP A 154 -31.14 -6.05 1.78
CA ASP A 154 -30.69 -6.64 0.53
C ASP A 154 -29.18 -6.48 0.38
N LYS A 155 -28.44 -7.57 0.54
CA LYS A 155 -26.99 -7.49 0.48
C LYS A 155 -26.52 -7.05 -0.91
N GLU A 156 -27.19 -7.51 -1.96
CA GLU A 156 -26.78 -7.13 -3.31
C GLU A 156 -26.76 -5.61 -3.45
N THR A 157 -27.82 -4.94 -2.99
CA THR A 157 -27.85 -3.48 -3.05
C THR A 157 -26.78 -2.88 -2.15
N ARG A 158 -26.63 -3.40 -0.94
CA ARG A 158 -25.60 -2.89 -0.04
C ARG A 158 -24.23 -2.92 -0.70
N TYR A 159 -23.94 -3.98 -1.46
CA TYR A 159 -22.62 -4.12 -2.07
C TYR A 159 -22.48 -3.28 -3.33
N ARG A 160 -23.56 -3.06 -4.06
CA ARG A 160 -23.51 -2.26 -5.28
C ARG A 160 -23.54 -0.76 -5.00
N GLN A 161 -24.03 -0.37 -3.82
CA GLN A 161 -24.15 1.04 -3.43
C GLN A 161 -23.57 1.19 -2.03
N ARG A 162 -22.23 1.09 -1.93
CA ARG A 162 -21.60 1.09 -0.62
C ARG A 162 -21.85 2.40 0.11
N TYR A 163 -21.91 3.52 -0.61
CA TYR A 163 -22.18 4.80 0.04
C TYR A 163 -23.53 4.79 0.74
N LEU A 164 -24.54 4.18 0.12
CA LEU A 164 -25.83 4.03 0.80
C LEU A 164 -25.71 3.11 2.00
N ASP A 165 -24.89 2.07 1.90
CA ASP A 165 -24.72 1.14 3.01
C ASP A 165 -24.11 1.83 4.22
N LEU A 166 -23.13 2.71 3.99
CA LEU A 166 -22.50 3.41 5.11
C LEU A 166 -23.40 4.50 5.67
N ILE A 167 -24.19 5.14 4.82
CA ILE A 167 -25.14 6.15 5.30
C ILE A 167 -26.08 5.53 6.33
N LEU A 168 -26.51 4.28 6.10
CA LEU A 168 -27.61 3.71 6.86
C LEU A 168 -27.19 2.66 7.88
N ASN A 169 -26.02 2.03 7.74
CA ASN A 169 -25.60 0.95 8.62
C ASN A 169 -24.28 1.32 9.27
N ASP A 170 -24.31 1.59 10.58
CA ASP A 170 -23.10 2.00 11.28
C ASP A 170 -22.12 0.84 11.44
N PHE A 171 -22.62 -0.39 11.57
CA PHE A 171 -21.72 -1.52 11.75
C PHE A 171 -20.78 -1.68 10.56
N VAL A 172 -21.21 -1.21 9.38
CA VAL A 172 -20.35 -1.35 8.20
C VAL A 172 -19.13 -0.45 8.33
N ARG A 173 -19.32 0.80 8.75
CA ARG A 173 -18.18 1.69 8.98
C ARG A 173 -17.18 1.07 9.92
N GLN A 174 -17.65 0.45 11.01
CA GLN A 174 -16.74 -0.13 11.98
C GLN A 174 -15.92 -1.27 11.38
N LYS A 175 -16.46 -1.95 10.37
CA LYS A 175 -15.73 -3.03 9.73
C LYS A 175 -14.48 -2.52 9.02
N PHE A 176 -14.62 -1.47 8.20
CA PHE A 176 -13.48 -0.98 7.44
C PHE A 176 -12.52 -0.17 8.29
N ILE A 177 -12.98 0.38 9.42
CA ILE A 177 -12.04 0.86 10.42
C ILE A 177 -11.19 -0.29 10.93
N ILE A 178 -11.82 -1.42 11.25
CA ILE A 178 -11.08 -2.61 11.68
C ILE A 178 -10.11 -3.04 10.60
N ARG A 179 -10.57 -3.07 9.34
CA ARG A 179 -9.70 -3.49 8.25
C ARG A 179 -8.44 -2.63 8.19
N SER A 180 -8.60 -1.31 8.27
CA SER A 180 -7.44 -0.43 8.19
C SER A 180 -6.52 -0.61 9.38
N LYS A 181 -7.09 -0.88 10.56
CA LYS A 181 -6.25 -1.07 11.74
C LYS A 181 -5.43 -2.35 11.63
N ILE A 182 -5.96 -3.38 10.97
CA ILE A 182 -5.20 -4.60 10.73
C ILE A 182 -3.98 -4.31 9.88
N ILE A 183 -4.20 -3.68 8.72
CA ILE A 183 -3.09 -3.36 7.82
C ILE A 183 -2.11 -2.44 8.51
N THR A 184 -2.60 -1.42 9.22
CA THR A 184 -1.71 -0.51 9.92
C THR A 184 -0.92 -1.23 11.01
N TYR A 185 -1.53 -2.21 11.67
CA TYR A 185 -0.82 -2.94 12.71
C TYR A 185 0.31 -3.78 12.12
N ILE A 186 0.05 -4.42 10.98
CA ILE A 186 1.07 -5.26 10.35
C ILE A 186 2.27 -4.41 9.98
N ARG A 187 2.04 -3.28 9.30
CA ARG A 187 3.14 -2.38 8.96
C ARG A 187 3.94 -2.01 10.20
N SER A 188 3.26 -1.63 11.28
CA SER A 188 3.97 -1.21 12.49
C SER A 188 4.75 -2.37 13.10
N PHE A 189 4.14 -3.55 13.19
CA PHE A 189 4.85 -4.71 13.75
C PHE A 189 6.12 -5.00 12.95
N LEU A 190 6.00 -5.06 11.63
CA LEU A 190 7.12 -5.44 10.80
C LEU A 190 8.15 -4.31 10.69
N ASP A 191 7.71 -3.05 10.65
CA ASP A 191 8.68 -1.94 10.59
C ASP A 191 9.59 -1.97 11.81
N GLU A 192 9.01 -2.26 12.99
CA GLU A 192 9.79 -2.27 14.22
C GLU A 192 10.80 -3.41 14.27
N LEU A 193 10.64 -4.43 13.42
CA LEU A 193 11.63 -5.50 13.29
C LEU A 193 12.68 -5.20 12.24
N GLY A 194 12.70 -3.99 11.68
CA GLY A 194 13.67 -3.60 10.69
C GLY A 194 13.33 -3.95 9.27
N PHE A 195 12.08 -4.32 9.00
CA PHE A 195 11.66 -4.64 7.64
C PHE A 195 11.58 -3.37 6.80
N LEU A 196 11.90 -3.52 5.53
CA LEU A 196 11.80 -2.46 4.54
C LEU A 196 10.53 -2.69 3.73
N GLU A 197 9.62 -1.72 3.78
CA GLU A 197 8.39 -1.78 2.99
C GLU A 197 8.71 -1.37 1.56
N ILE A 198 8.39 -2.25 0.61
CA ILE A 198 8.80 -2.09 -0.78
C ILE A 198 7.60 -2.23 -1.72
N GLU A 199 7.79 -1.74 -2.94
CA GLU A 199 6.81 -1.86 -4.01
C GLU A 199 7.48 -2.54 -5.20
N THR A 200 6.83 -3.57 -5.73
CA THR A 200 7.36 -4.33 -6.85
C THR A 200 6.34 -4.42 -7.97
N PRO A 201 6.77 -4.74 -9.19
CA PRO A 201 5.87 -4.65 -10.33
C PRO A 201 4.63 -5.50 -10.15
N MET A 202 3.49 -4.94 -10.61
CA MET A 202 2.24 -5.67 -10.68
C MET A 202 1.96 -6.18 -12.09
N MET A 203 2.73 -5.75 -13.08
CA MET A 203 2.61 -6.22 -14.45
C MET A 203 3.93 -6.87 -14.84
N ASN A 204 3.85 -8.09 -15.37
CA ASN A 204 5.03 -8.88 -15.69
C ASN A 204 5.05 -9.22 -17.17
N ILE A 205 6.26 -9.44 -17.69
CA ILE A 205 6.41 -9.75 -19.11
C ILE A 205 6.01 -11.20 -19.41
N ILE A 206 6.08 -12.08 -18.42
CA ILE A 206 5.67 -13.47 -18.58
C ILE A 206 4.76 -13.85 -17.43
N PRO A 207 3.76 -14.71 -17.64
CA PRO A 207 2.87 -15.08 -16.54
C PRO A 207 3.62 -15.87 -15.48
N GLY A 208 3.14 -15.75 -14.24
CA GLY A 208 3.82 -16.40 -13.13
C GLY A 208 3.82 -17.90 -13.27
N GLY A 209 4.89 -18.53 -12.76
CA GLY A 209 4.99 -19.97 -12.72
C GLY A 209 4.10 -20.56 -11.66
N ALA A 210 2.79 -20.51 -11.89
CA ALA A 210 1.80 -20.92 -10.91
C ALA A 210 0.49 -21.22 -11.63
N VAL A 211 -0.32 -22.08 -11.04
CA VAL A 211 -1.61 -22.46 -11.63
C VAL A 211 -2.61 -21.37 -11.26
N ALA A 212 -2.88 -20.47 -12.19
CA ALA A 212 -3.78 -19.37 -11.93
C ALA A 212 -4.07 -18.64 -13.24
N LYS A 213 -5.31 -18.63 -13.68
CA LYS A 213 -5.66 -17.94 -14.91
C LYS A 213 -5.36 -16.45 -14.74
N PRO A 214 -4.57 -15.84 -15.63
CA PRO A 214 -4.12 -14.47 -15.37
C PRO A 214 -4.87 -13.41 -16.15
N PHE A 215 -4.80 -12.17 -15.67
CA PHE A 215 -5.23 -11.02 -16.46
C PHE A 215 -4.13 -10.66 -17.43
N ILE A 216 -4.42 -10.73 -18.73
CA ILE A 216 -3.47 -10.39 -19.77
C ILE A 216 -3.87 -9.04 -20.36
N THR A 217 -2.92 -8.12 -20.45
CA THR A 217 -3.13 -6.81 -21.04
C THR A 217 -2.00 -6.52 -22.03
N TYR A 218 -2.28 -5.63 -22.97
CA TYR A 218 -1.39 -5.34 -24.08
C TYR A 218 -0.79 -3.95 -23.92
N HIS A 219 0.53 -3.87 -24.02
CA HIS A 219 1.26 -2.60 -23.99
C HIS A 219 1.52 -2.16 -25.42
N ASN A 220 1.08 -0.95 -25.77
CA ASN A 220 1.08 -0.53 -27.17
C ASN A 220 2.50 -0.21 -27.65
N GLU A 221 3.18 0.70 -26.96
CA GLU A 221 4.50 1.13 -27.43
C GLU A 221 5.49 -0.02 -27.41
N LEU A 222 5.29 -1.01 -26.54
CA LEU A 222 6.16 -2.17 -26.47
C LEU A 222 5.73 -3.30 -27.41
N ASP A 223 4.54 -3.21 -27.98
CA ASP A 223 4.01 -4.25 -28.87
C ASP A 223 4.13 -5.62 -28.22
N MET A 224 3.55 -5.75 -27.03
CA MET A 224 3.77 -6.93 -26.22
C MET A 224 2.71 -7.01 -25.13
N ASN A 225 2.42 -8.23 -24.71
CA ASN A 225 1.46 -8.49 -23.65
C ASN A 225 2.14 -8.47 -22.28
N LEU A 226 1.43 -7.93 -21.29
CA LEU A 226 1.86 -7.96 -19.90
C LEU A 226 0.87 -8.80 -19.10
N TYR A 227 1.29 -9.24 -17.93
CA TYR A 227 0.49 -10.12 -17.09
C TYR A 227 0.42 -9.54 -15.68
N MET A 228 -0.81 -9.40 -15.18
CA MET A 228 -1.00 -8.94 -13.82
C MET A 228 -0.51 -9.99 -12.83
N ARG A 229 0.12 -9.53 -11.76
CA ARG A 229 0.83 -10.45 -10.88
C ARG A 229 -0.13 -11.27 -10.02
N ILE A 230 0.33 -12.46 -9.65
CA ILE A 230 -0.34 -13.27 -8.63
C ILE A 230 0.33 -13.12 -7.27
N ALA A 231 1.61 -12.75 -7.22
CA ALA A 231 2.34 -12.59 -5.98
C ALA A 231 3.66 -11.89 -6.23
N PRO A 232 4.22 -11.20 -5.23
CA PRO A 232 5.51 -10.50 -5.40
C PRO A 232 6.74 -11.31 -5.03
N GLU A 233 6.61 -12.63 -4.88
CA GLU A 233 7.65 -13.45 -4.25
C GLU A 233 9.00 -13.27 -4.94
N LEU A 234 9.04 -13.50 -6.25
CA LEU A 234 10.33 -13.55 -6.94
C LEU A 234 11.03 -12.19 -6.89
N TYR A 235 10.28 -11.09 -6.95
CA TYR A 235 10.90 -9.78 -6.80
C TYR A 235 11.51 -9.62 -5.42
N HIS A 236 10.80 -10.10 -4.39
CA HIS A 236 11.28 -9.95 -3.02
C HIS A 236 12.58 -10.71 -2.79
N LYS A 237 12.69 -11.91 -3.34
CA LYS A 237 13.91 -12.69 -3.11
C LYS A 237 15.08 -12.12 -3.90
N MET A 238 14.81 -11.49 -5.05
CA MET A 238 15.87 -10.78 -5.77
C MET A 238 16.44 -9.66 -4.92
N LEU A 239 15.60 -9.00 -4.12
CA LEU A 239 16.11 -7.94 -3.25
C LEU A 239 16.86 -8.50 -2.06
N VAL A 240 16.44 -9.65 -1.55
CA VAL A 240 17.21 -10.30 -0.49
C VAL A 240 18.60 -10.66 -1.01
N VAL A 241 18.69 -11.12 -2.25
CA VAL A 241 19.99 -11.33 -2.88
C VAL A 241 20.76 -10.02 -2.91
N GLY A 242 20.06 -8.91 -3.16
CA GLY A 242 20.69 -7.61 -3.21
C GLY A 242 21.19 -7.09 -1.88
N GLY A 243 20.79 -7.72 -0.77
CA GLY A 243 21.27 -7.35 0.54
C GLY A 243 20.22 -6.72 1.44
N ILE A 244 18.98 -6.56 0.97
CA ILE A 244 17.89 -6.08 1.81
C ILE A 244 17.32 -7.33 2.50
N ASP A 245 17.78 -7.58 3.72
CA ASP A 245 17.54 -8.87 4.36
C ASP A 245 16.08 -9.05 4.77
N ARG A 246 15.35 -7.97 5.02
CA ARG A 246 14.00 -8.02 5.55
C ARG A 246 13.11 -7.11 4.72
N VAL A 247 12.20 -7.71 3.97
CA VAL A 247 11.33 -7.01 3.04
C VAL A 247 9.91 -7.50 3.27
N TYR A 248 8.95 -6.60 3.08
CA TYR A 248 7.53 -6.96 3.11
C TYR A 248 6.79 -6.04 2.16
N GLU A 249 5.64 -6.53 1.68
CA GLU A 249 4.81 -5.78 0.75
C GLU A 249 3.36 -6.17 1.02
N ILE A 250 2.54 -5.19 1.37
CA ILE A 250 1.10 -5.35 1.53
C ILE A 250 0.45 -4.74 0.30
N GLY A 251 0.16 -5.56 -0.70
CA GLY A 251 -0.33 -5.04 -1.96
C GLY A 251 -1.35 -5.94 -2.62
N ARG A 252 -1.90 -5.46 -3.72
CA ARG A 252 -2.98 -6.14 -4.42
C ARG A 252 -2.43 -7.24 -5.33
N GLN A 253 -3.19 -8.32 -5.42
CA GLN A 253 -2.93 -9.40 -6.35
C GLN A 253 -4.16 -9.57 -7.23
N PHE A 254 -3.99 -10.23 -8.38
CA PHE A 254 -5.05 -10.34 -9.37
C PHE A 254 -5.16 -11.77 -9.86
N ARG A 255 -6.39 -12.28 -9.91
CA ARG A 255 -6.67 -13.60 -10.45
C ARG A 255 -7.90 -13.51 -11.33
N ASN A 256 -7.78 -13.98 -12.57
CA ASN A 256 -8.86 -13.97 -13.55
C ASN A 256 -9.67 -15.25 -13.36
N GLU A 257 -10.62 -15.20 -12.42
CA GLU A 257 -11.39 -16.39 -12.08
C GLU A 257 -12.84 -15.98 -11.88
N GLY A 258 -13.62 -16.90 -11.29
CA GLY A 258 -15.03 -16.63 -11.05
C GLY A 258 -15.23 -15.75 -9.82
N ILE A 259 -16.24 -14.89 -9.91
CA ILE A 259 -16.62 -13.99 -8.83
C ILE A 259 -17.76 -14.65 -8.05
N ASP A 260 -17.70 -14.55 -6.72
CA ASP A 260 -18.76 -15.05 -5.87
C ASP A 260 -18.57 -14.44 -4.49
N LEU A 261 -19.28 -15.00 -3.50
CA LEU A 261 -19.27 -14.42 -2.17
C LEU A 261 -17.93 -14.57 -1.46
N THR A 262 -17.02 -15.41 -1.96
CA THR A 262 -15.74 -15.62 -1.31
C THR A 262 -14.55 -15.40 -2.23
N HIS A 263 -14.77 -15.02 -3.49
CA HIS A 263 -13.69 -14.77 -4.44
C HIS A 263 -13.90 -13.42 -5.09
N ASN A 264 -12.81 -12.66 -5.24
CA ASN A 264 -12.77 -11.35 -5.87
C ASN A 264 -11.58 -11.31 -6.83
N PRO A 265 -11.74 -10.72 -8.02
CA PRO A 265 -10.61 -10.71 -8.97
C PRO A 265 -9.38 -9.99 -8.46
N GLU A 266 -9.54 -9.01 -7.58
CA GLU A 266 -8.44 -8.32 -6.95
C GLU A 266 -8.57 -8.46 -5.44
N PHE A 267 -7.46 -8.75 -4.78
CA PHE A 267 -7.45 -8.98 -3.34
C PHE A 267 -6.10 -8.55 -2.80
N THR A 268 -6.02 -8.46 -1.48
CA THR A 268 -4.85 -7.93 -0.79
C THR A 268 -4.15 -9.04 -0.02
N THR A 269 -2.84 -9.14 -0.21
CA THR A 269 -2.02 -10.07 0.56
C THR A 269 -0.86 -9.32 1.19
N CYS A 270 -0.28 -9.92 2.22
CA CYS A 270 0.99 -9.47 2.78
C CYS A 270 1.99 -10.60 2.68
N GLU A 271 3.19 -10.28 2.18
CA GLU A 271 4.33 -11.20 2.17
C GLU A 271 5.53 -10.47 2.73
N PHE A 272 6.34 -11.19 3.51
CA PHE A 272 7.65 -10.69 3.97
C PHE A 272 8.64 -11.84 3.88
N TYR A 273 9.90 -11.49 3.61
CA TYR A 273 10.99 -12.45 3.50
C TYR A 273 12.12 -12.01 4.42
N MET A 274 12.74 -12.98 5.08
CA MET A 274 13.70 -12.71 6.14
C MET A 274 14.91 -13.61 5.93
N ALA A 275 16.05 -12.99 5.64
CA ALA A 275 17.29 -13.74 5.47
C ALA A 275 17.73 -14.33 6.80
N TYR A 276 18.42 -15.48 6.73
CA TYR A 276 18.99 -16.12 7.90
C TYR A 276 17.90 -16.53 8.89
N ALA A 277 16.77 -16.96 8.36
CA ALA A 277 15.67 -17.48 9.15
C ALA A 277 15.09 -18.69 8.42
N ASP A 278 14.52 -19.60 9.20
CA ASP A 278 13.80 -20.75 8.69
C ASP A 278 12.35 -20.66 9.15
N TYR A 279 11.54 -21.64 8.76
CA TYR A 279 10.12 -21.57 9.03
C TYR A 279 9.84 -21.56 10.53
N HIS A 280 10.71 -22.16 11.34
CA HIS A 280 10.51 -22.16 12.78
C HIS A 280 10.67 -20.76 13.37
N ASP A 281 11.62 -19.98 12.87
CA ASP A 281 11.80 -18.61 13.35
C ASP A 281 10.55 -17.77 13.13
N LEU A 282 9.88 -17.99 11.99
CA LEU A 282 8.68 -17.23 11.68
C LEU A 282 7.47 -17.65 12.50
N MET A 283 7.57 -18.76 13.23
CA MET A 283 6.43 -19.20 14.04
C MET A 283 6.26 -18.30 15.26
N GLU A 284 7.37 -18.00 15.96
CA GLU A 284 7.32 -17.00 17.03
C GLU A 284 6.78 -15.67 16.52
N ILE A 285 7.29 -15.21 15.37
CA ILE A 285 6.87 -13.92 14.84
C ILE A 285 5.38 -13.91 14.54
N THR A 286 4.90 -14.97 13.88
CA THR A 286 3.48 -15.06 13.57
C THR A 286 2.64 -15.05 14.82
N GLU A 287 3.07 -15.77 15.86
CA GLU A 287 2.31 -15.83 17.10
C GLU A 287 2.23 -14.46 17.76
N LYS A 288 3.36 -13.75 17.82
CA LYS A 288 3.36 -12.42 18.43
C LYS A 288 2.47 -11.47 17.64
N MET A 289 2.66 -11.41 16.32
CA MET A 289 1.90 -10.46 15.51
C MET A 289 0.41 -10.74 15.58
N VAL A 290 0.00 -11.98 15.29
CA VAL A 290 -1.43 -12.29 15.23
C VAL A 290 -2.08 -12.06 16.58
N SER A 291 -1.48 -12.61 17.65
CA SER A 291 -2.04 -12.43 18.98
C SER A 291 -2.05 -10.95 19.37
N GLY A 292 -0.91 -10.27 19.20
CA GLY A 292 -0.86 -8.86 19.51
C GLY A 292 -1.87 -8.06 18.72
N MET A 293 -2.04 -8.40 17.44
CA MET A 293 -3.00 -7.70 16.61
C MET A 293 -4.41 -7.82 17.18
N VAL A 294 -4.80 -9.03 17.55
CA VAL A 294 -6.17 -9.26 17.99
C VAL A 294 -6.46 -8.49 19.28
N LYS A 295 -5.54 -8.58 20.25
CA LYS A 295 -5.77 -7.90 21.52
C LYS A 295 -5.78 -6.40 21.34
N HIS A 296 -4.83 -5.87 20.56
CA HIS A 296 -4.73 -4.41 20.39
C HIS A 296 -5.98 -3.86 19.72
N ILE A 297 -6.52 -4.58 18.74
CA ILE A 297 -7.65 -4.04 17.98
C ILE A 297 -8.97 -4.27 18.72
N THR A 298 -9.17 -5.47 19.28
CA THR A 298 -10.45 -5.81 19.88
C THR A 298 -10.50 -5.62 21.39
N GLY A 299 -9.34 -5.49 22.04
CA GLY A 299 -9.29 -5.32 23.47
C GLY A 299 -9.11 -6.59 24.27
N SER A 300 -9.18 -7.75 23.62
CA SER A 300 -9.07 -9.02 24.33
C SER A 300 -8.54 -10.07 23.37
N TYR A 301 -7.97 -11.13 23.95
CA TYR A 301 -7.47 -12.25 23.17
C TYR A 301 -8.58 -13.15 22.63
N LYS A 302 -9.80 -13.01 23.14
CA LYS A 302 -10.91 -13.89 22.78
C LYS A 302 -11.87 -13.16 21.84
N VAL A 303 -12.12 -13.78 20.67
CA VAL A 303 -13.00 -13.23 19.66
C VAL A 303 -14.13 -14.21 19.43
N THR A 304 -15.29 -13.68 19.02
CA THR A 304 -16.44 -14.48 18.65
C THR A 304 -16.66 -14.36 17.14
N TYR A 305 -16.86 -15.51 16.49
CA TYR A 305 -17.09 -15.56 15.05
C TYR A 305 -18.33 -16.38 14.75
N HIS A 306 -19.11 -15.92 13.77
CA HIS A 306 -20.37 -16.55 13.35
C HIS A 306 -20.22 -17.07 11.93
N PRO A 307 -19.72 -18.29 11.73
CA PRO A 307 -19.49 -18.77 10.36
C PRO A 307 -20.73 -18.74 9.48
N ASP A 308 -21.93 -18.81 10.07
CA ASP A 308 -23.17 -18.92 9.31
C ASP A 308 -24.13 -17.77 9.58
N GLY A 309 -23.65 -16.67 10.13
CA GLY A 309 -24.48 -15.51 10.36
C GLY A 309 -24.77 -15.28 11.82
N PRO A 310 -25.21 -14.06 12.16
CA PRO A 310 -25.51 -13.76 13.58
C PRO A 310 -26.46 -14.77 14.20
N GLU A 311 -27.40 -15.28 13.41
CA GLU A 311 -28.41 -16.20 13.90
C GLU A 311 -27.88 -17.63 14.03
N GLY A 312 -26.80 -17.94 13.33
CA GLY A 312 -26.24 -19.28 13.36
C GLY A 312 -25.36 -19.50 14.58
N GLN A 313 -24.66 -20.62 14.57
CA GLN A 313 -23.82 -20.98 15.70
C GLN A 313 -22.68 -19.97 15.86
N ALA A 314 -22.23 -19.85 17.10
CA ALA A 314 -21.18 -18.90 17.47
C ALA A 314 -20.01 -19.68 18.06
N TYR A 315 -18.82 -19.44 17.51
CA TYR A 315 -17.59 -20.07 17.96
C TYR A 315 -16.76 -19.06 18.75
N ASP A 316 -16.17 -19.52 19.84
CA ASP A 316 -15.21 -18.74 20.60
C ASP A 316 -13.82 -19.03 20.08
N VAL A 317 -13.04 -17.98 19.82
CA VAL A 317 -11.69 -18.11 19.30
C VAL A 317 -10.73 -17.45 20.29
N ASP A 318 -9.84 -18.24 20.87
CA ASP A 318 -8.94 -17.79 21.93
C ASP A 318 -7.53 -17.64 21.34
N PHE A 319 -7.09 -16.38 21.17
CA PHE A 319 -5.76 -16.08 20.65
C PHE A 319 -4.69 -15.97 21.72
N THR A 320 -5.00 -16.34 22.95
CA THR A 320 -4.01 -16.29 24.01
C THR A 320 -2.82 -17.19 23.64
N PRO A 321 -1.58 -16.69 23.75
CA PRO A 321 -0.43 -17.57 23.50
C PRO A 321 -0.17 -18.48 24.68
N PRO A 322 0.54 -19.60 24.47
CA PRO A 322 1.11 -20.08 23.18
C PRO A 322 0.04 -20.68 22.27
N PHE A 323 0.16 -20.52 20.95
CA PHE A 323 -0.76 -21.17 20.03
C PHE A 323 -0.44 -22.67 19.95
N ARG A 324 -1.49 -23.47 19.77
CA ARG A 324 -1.31 -24.91 19.61
C ARG A 324 -0.45 -25.20 18.39
N ARG A 325 0.58 -26.02 18.57
CA ARG A 325 1.42 -26.49 17.47
C ARG A 325 1.19 -27.97 17.26
N ILE A 326 1.15 -28.40 15.99
CA ILE A 326 1.02 -29.81 15.67
C ILE A 326 1.86 -30.13 14.44
N ASN A 327 2.52 -31.29 14.47
CA ASN A 327 3.16 -31.86 13.29
C ASN A 327 2.13 -32.73 12.57
N MET A 328 1.96 -32.49 11.28
CA MET A 328 0.80 -33.02 10.56
C MET A 328 0.71 -34.53 10.66
N VAL A 329 1.76 -35.23 10.20
CA VAL A 329 1.69 -36.69 10.12
C VAL A 329 1.45 -37.29 11.49
N GLU A 330 2.23 -36.84 12.48
CA GLU A 330 2.09 -37.39 13.83
C GLU A 330 0.68 -37.20 14.36
N GLU A 331 0.12 -36.00 14.20
CA GLU A 331 -1.21 -35.74 14.72
C GLU A 331 -2.28 -36.49 13.93
N LEU A 332 -2.09 -36.64 12.62
CA LEU A 332 -3.01 -37.45 11.84
C LEU A 332 -3.00 -38.90 12.31
N GLU A 333 -1.82 -39.43 12.62
CA GLU A 333 -1.73 -40.76 13.21
C GLU A 333 -2.46 -40.81 14.55
N LYS A 334 -2.19 -39.82 15.41
CA LYS A 334 -2.82 -39.79 16.73
C LYS A 334 -4.33 -39.63 16.61
N ALA A 335 -4.79 -38.92 15.59
CA ALA A 335 -6.23 -38.73 15.42
C ALA A 335 -6.89 -39.95 14.79
N LEU A 336 -6.19 -40.60 13.87
CA LEU A 336 -6.69 -41.84 13.27
C LEU A 336 -6.48 -43.05 14.18
N GLY A 337 -5.68 -42.91 15.23
CA GLY A 337 -5.37 -44.03 16.09
C GLY A 337 -4.61 -45.14 15.40
N MET A 338 -3.69 -44.77 14.50
CA MET A 338 -2.94 -45.78 13.75
C MET A 338 -1.68 -45.15 13.18
N LYS A 339 -0.65 -45.99 13.06
CA LYS A 339 0.62 -45.58 12.50
C LYS A 339 0.53 -45.55 10.98
N LEU A 340 1.00 -44.48 10.38
CA LEU A 340 1.08 -44.37 8.92
C LEU A 340 2.45 -44.79 8.45
N PRO A 341 2.62 -45.00 7.13
CA PRO A 341 3.95 -45.29 6.61
C PRO A 341 4.97 -44.23 7.02
N GLU A 342 6.23 -44.64 7.10
CA GLU A 342 7.32 -43.71 7.37
C GLU A 342 7.39 -42.67 6.26
N THR A 343 7.82 -41.46 6.62
CA THR A 343 7.53 -40.31 5.77
C THR A 343 8.26 -40.35 4.44
N ASN A 344 9.41 -41.02 4.35
CA ASN A 344 10.13 -41.04 3.09
C ASN A 344 9.61 -42.10 2.13
N LEU A 345 8.54 -42.82 2.48
CA LEU A 345 7.91 -43.79 1.60
C LEU A 345 6.52 -43.33 1.16
N PHE A 346 6.30 -42.02 1.08
CA PHE A 346 4.98 -41.50 0.71
C PHE A 346 4.78 -41.36 -0.78
N GLU A 347 5.84 -41.47 -1.59
CA GLU A 347 5.68 -41.45 -3.04
C GLU A 347 5.30 -42.82 -3.60
N THR A 348 5.33 -43.86 -2.79
CA THR A 348 5.13 -45.22 -3.31
C THR A 348 3.65 -45.52 -3.50
N GLU A 349 3.38 -46.50 -4.37
CA GLU A 349 2.01 -46.94 -4.60
C GLU A 349 1.48 -47.80 -3.47
N GLU A 350 2.36 -48.40 -2.67
CA GLU A 350 1.89 -49.16 -1.52
C GLU A 350 1.33 -48.23 -0.44
N THR A 351 1.99 -47.09 -0.22
CA THR A 351 1.47 -46.11 0.73
C THR A 351 0.16 -45.53 0.24
N ARG A 352 0.03 -45.31 -1.07
CA ARG A 352 -1.22 -44.77 -1.62
C ARG A 352 -2.38 -45.71 -1.33
N LYS A 353 -2.20 -47.00 -1.62
CA LYS A 353 -3.21 -47.99 -1.27
C LYS A 353 -3.64 -47.85 0.19
N ILE A 354 -2.65 -47.78 1.09
CA ILE A 354 -2.97 -47.73 2.52
C ILE A 354 -3.88 -46.56 2.82
N LEU A 355 -3.58 -45.39 2.26
CA LEU A 355 -4.41 -44.22 2.51
C LEU A 355 -5.80 -44.40 1.91
N ASP A 356 -5.88 -44.96 0.70
CA ASP A 356 -7.18 -45.22 0.08
C ASP A 356 -8.04 -46.10 0.98
N ASP A 357 -7.46 -47.19 1.49
CA ASP A 357 -8.20 -48.05 2.41
C ASP A 357 -8.65 -47.27 3.64
N ILE A 358 -7.75 -46.45 4.19
CA ILE A 358 -8.07 -45.73 5.43
C ILE A 358 -9.24 -44.78 5.21
N CYS A 359 -9.23 -44.05 4.09
CA CYS A 359 -10.35 -43.16 3.79
C CYS A 359 -11.65 -43.92 3.73
N VAL A 360 -11.66 -45.08 3.06
CA VAL A 360 -12.85 -45.92 3.04
C VAL A 360 -13.25 -46.30 4.47
N ALA A 361 -12.33 -46.91 5.20
CA ALA A 361 -12.68 -47.53 6.47
C ALA A 361 -13.27 -46.53 7.46
N LYS A 362 -12.96 -45.24 7.29
CA LYS A 362 -13.49 -44.20 8.16
C LYS A 362 -14.46 -43.28 7.44
N ALA A 363 -15.04 -43.74 6.34
CA ALA A 363 -16.08 -42.99 5.62
C ALA A 363 -15.64 -41.56 5.34
N VAL A 364 -14.42 -41.41 4.82
CA VAL A 364 -13.93 -40.12 4.36
C VAL A 364 -13.73 -40.21 2.85
N GLU A 365 -14.80 -40.00 2.10
CA GLU A 365 -14.75 -40.21 0.66
C GLU A 365 -13.95 -39.11 -0.02
N CYS A 366 -13.21 -39.49 -1.06
CA CYS A 366 -12.28 -38.65 -1.81
C CYS A 366 -12.83 -38.39 -3.20
N PRO A 367 -12.40 -37.31 -3.86
CA PRO A 367 -12.75 -37.10 -5.27
C PRO A 367 -12.49 -38.37 -6.08
N PRO A 368 -13.16 -38.55 -7.21
CA PRO A 368 -12.91 -39.73 -8.05
C PRO A 368 -11.42 -39.94 -8.27
N PRO A 369 -10.65 -38.86 -8.46
CA PRO A 369 -9.18 -38.99 -8.44
C PRO A 369 -8.68 -39.35 -7.05
N ARG A 370 -8.53 -40.63 -6.76
CA ARG A 370 -8.09 -41.09 -5.44
C ARG A 370 -6.58 -41.26 -5.46
N THR A 371 -5.88 -40.18 -5.10
CA THR A 371 -4.43 -40.15 -5.11
C THR A 371 -3.91 -40.03 -3.67
N THR A 372 -2.59 -40.07 -3.54
CA THR A 372 -1.97 -39.83 -2.22
C THR A 372 -2.21 -38.39 -1.79
N ALA A 373 -2.06 -37.42 -2.70
CA ALA A 373 -2.23 -36.02 -2.33
C ALA A 373 -3.67 -35.71 -1.93
N ARG A 374 -4.64 -36.33 -2.61
CA ARG A 374 -6.04 -36.01 -2.32
C ARG A 374 -6.56 -36.80 -1.12
N LEU A 375 -6.17 -38.07 -1.00
CA LEU A 375 -6.56 -38.85 0.17
C LEU A 375 -5.96 -38.26 1.43
N LEU A 376 -4.74 -37.72 1.34
CA LEU A 376 -4.15 -37.03 2.49
C LEU A 376 -4.85 -35.71 2.75
N ASP A 377 -5.22 -35.00 1.69
CA ASP A 377 -5.87 -33.71 1.86
C ASP A 377 -7.18 -33.84 2.65
N LYS A 378 -8.05 -34.76 2.23
CA LYS A 378 -9.33 -34.90 2.90
C LYS A 378 -9.18 -35.54 4.28
N LEU A 379 -8.16 -36.37 4.47
CA LEU A 379 -7.89 -36.88 5.82
C LEU A 379 -7.40 -35.75 6.72
N VAL A 380 -6.52 -34.90 6.21
CA VAL A 380 -6.04 -33.77 7.01
C VAL A 380 -7.20 -32.84 7.33
N GLY A 381 -8.05 -32.55 6.35
CA GLY A 381 -9.15 -31.64 6.60
C GLY A 381 -10.13 -32.18 7.61
N GLU A 382 -10.55 -33.44 7.44
CA GLU A 382 -11.58 -34.01 8.28
C GLU A 382 -11.12 -34.33 9.68
N PHE A 383 -9.81 -34.53 9.90
CA PHE A 383 -9.32 -34.94 11.21
C PHE A 383 -8.48 -33.89 11.92
N LEU A 384 -7.95 -32.90 11.20
CA LEU A 384 -7.11 -31.87 11.81
C LEU A 384 -7.66 -30.48 11.60
N GLU A 385 -7.83 -30.03 10.34
CA GLU A 385 -8.21 -28.65 10.09
C GLU A 385 -9.55 -28.31 10.73
N VAL A 386 -10.47 -29.28 10.79
CA VAL A 386 -11.79 -29.03 11.36
C VAL A 386 -11.69 -28.80 12.86
N THR A 387 -10.69 -29.35 13.52
CA THR A 387 -10.52 -29.17 14.95
C THR A 387 -9.78 -27.87 15.29
N CYS A 388 -9.36 -27.11 14.29
CA CYS A 388 -8.57 -25.90 14.51
C CYS A 388 -9.52 -24.71 14.66
N ILE A 389 -10.10 -24.59 15.85
CA ILE A 389 -10.93 -23.43 16.16
C ILE A 389 -10.05 -22.27 16.60
N ASN A 390 -9.27 -22.47 17.66
CA ASN A 390 -8.28 -21.49 18.05
C ASN A 390 -7.14 -21.46 17.03
N PRO A 391 -6.36 -20.38 17.00
CA PRO A 391 -5.15 -20.35 16.16
C PRO A 391 -4.27 -21.58 16.39
N THR A 392 -3.98 -22.34 15.33
CA THR A 392 -3.23 -23.57 15.44
C THR A 392 -2.23 -23.68 14.31
N PHE A 393 -0.95 -23.84 14.65
CA PHE A 393 0.07 -24.10 13.64
C PHE A 393 0.01 -25.56 13.21
N ILE A 394 -0.11 -25.79 11.91
CA ILE A 394 0.01 -27.11 11.31
C ILE A 394 1.30 -27.12 10.49
N CYS A 395 2.20 -28.06 10.78
CA CYS A 395 3.55 -28.00 10.25
C CYS A 395 3.98 -29.30 9.58
N ASP A 396 5.12 -29.21 8.90
CA ASP A 396 5.84 -30.35 8.33
C ASP A 396 4.93 -31.22 7.45
N HIS A 397 4.32 -30.58 6.46
CA HIS A 397 3.43 -31.28 5.57
C HIS A 397 4.23 -32.19 4.63
N PRO A 398 3.69 -33.37 4.28
CA PRO A 398 4.34 -34.19 3.26
C PRO A 398 4.53 -33.43 1.95
N GLN A 399 5.68 -33.66 1.31
CA GLN A 399 5.97 -33.01 0.05
C GLN A 399 4.89 -33.30 -0.99
N ILE A 400 4.51 -34.57 -1.13
CA ILE A 400 3.54 -34.96 -2.13
C ILE A 400 2.25 -34.15 -1.96
N PRO A 403 5.81 -28.68 -3.67
CA PRO A 403 7.03 -29.26 -4.25
C PRO A 403 8.18 -28.26 -4.24
N LEU A 404 7.91 -27.05 -3.73
CA LEU A 404 8.92 -26.01 -3.64
C LEU A 404 9.61 -26.06 -2.28
N ALA A 405 9.39 -25.04 -1.45
CA ALA A 405 9.76 -25.08 -0.05
C ALA A 405 11.18 -25.58 0.18
N LYS A 406 11.30 -26.70 0.89
CA LYS A 406 12.59 -27.25 1.29
C LYS A 406 12.32 -28.56 2.01
N TRP A 407 13.36 -29.39 2.13
CA TRP A 407 13.23 -30.66 2.82
C TRP A 407 13.66 -30.56 4.28
N GLU A 412 13.57 -35.61 5.35
CA GLU A 412 13.03 -36.97 5.45
C GLU A 412 11.60 -37.00 4.93
N GLY A 413 11.38 -36.39 3.76
CA GLY A 413 10.11 -36.41 3.10
C GLY A 413 9.15 -35.32 3.53
N LEU A 414 9.46 -34.58 4.59
CA LEU A 414 8.56 -33.57 5.12
C LEU A 414 9.03 -32.18 4.72
N THR A 415 8.08 -31.35 4.30
CA THR A 415 8.37 -29.99 3.86
C THR A 415 8.60 -29.09 5.06
N GLU A 416 9.60 -28.21 4.94
CA GLU A 416 9.87 -27.22 5.97
C GLU A 416 8.81 -26.12 5.84
N ARG A 417 7.83 -26.07 6.75
CA ARG A 417 6.71 -25.17 6.58
C ARG A 417 5.71 -25.31 7.73
N PHE A 418 4.96 -24.24 7.95
CA PHE A 418 3.77 -24.27 8.76
C PHE A 418 2.67 -23.47 8.07
N GLU A 419 1.43 -23.90 8.30
CA GLU A 419 0.24 -23.11 7.99
C GLU A 419 -0.45 -22.79 9.32
N LEU A 420 -0.87 -21.54 9.48
CA LEU A 420 -1.62 -21.14 10.67
C LEU A 420 -3.10 -21.17 10.32
N PHE A 421 -3.84 -22.04 11.00
CA PHE A 421 -5.28 -22.18 10.81
C PHE A 421 -6.03 -21.47 11.93
N VAL A 422 -7.08 -20.74 11.56
CA VAL A 422 -8.00 -20.12 12.49
C VAL A 422 -9.41 -20.39 12.00
N MET A 423 -10.30 -20.76 12.91
CA MET A 423 -11.68 -21.11 12.57
C MET A 423 -11.70 -22.05 11.37
N LYS A 424 -10.85 -23.08 11.44
CA LYS A 424 -10.81 -24.16 10.46
C LYS A 424 -10.31 -23.71 9.09
N LYS A 425 -9.66 -22.55 8.99
CA LYS A 425 -9.22 -22.03 7.72
C LYS A 425 -7.83 -21.43 7.83
N GLU A 426 -7.06 -21.57 6.75
CA GLU A 426 -5.71 -21.03 6.72
C GLU A 426 -5.77 -19.51 6.54
N ILE A 427 -5.08 -18.79 7.42
CA ILE A 427 -4.94 -17.35 7.29
C ILE A 427 -3.52 -16.94 6.89
N CYS A 428 -2.51 -17.73 7.24
CA CYS A 428 -1.15 -17.39 6.82
C CYS A 428 -0.29 -18.64 6.85
N ASN A 429 0.82 -18.59 6.14
CA ASN A 429 1.74 -19.71 6.08
C ASN A 429 3.15 -19.20 5.80
N ALA A 430 4.12 -20.03 6.14
CA ALA A 430 5.53 -19.69 6.00
C ALA A 430 6.28 -20.90 5.46
N TYR A 431 7.34 -20.62 4.71
CA TYR A 431 8.19 -21.65 4.11
C TYR A 431 9.65 -21.32 4.38
N THR A 432 10.46 -22.36 4.55
CA THR A 432 11.91 -22.21 4.36
C THR A 432 12.17 -22.17 2.86
N GLU A 433 12.94 -21.19 2.41
CA GLU A 433 13.07 -20.94 0.97
C GLU A 433 14.20 -21.75 0.36
N LEU A 434 14.04 -22.05 -0.93
CA LEU A 434 15.10 -22.64 -1.72
C LEU A 434 16.12 -21.56 -2.10
N ASN A 435 17.40 -21.93 -2.15
CA ASN A 435 18.41 -21.02 -2.66
C ASN A 435 19.42 -21.71 -3.58
N ASP A 436 19.30 -23.00 -3.82
CA ASP A 436 20.11 -23.67 -4.82
C ASP A 436 19.70 -23.19 -6.21
N PRO A 437 20.52 -22.41 -6.90
CA PRO A 437 20.11 -21.93 -8.24
C PRO A 437 19.93 -23.07 -9.24
N MET A 438 20.69 -24.15 -9.08
CA MET A 438 20.56 -25.30 -9.99
C MET A 438 19.21 -25.96 -9.82
N ARG A 439 18.79 -26.21 -8.58
CA ARG A 439 17.51 -26.88 -8.35
C ARG A 439 16.35 -25.98 -8.76
N GLN A 440 16.39 -24.70 -8.37
CA GLN A 440 15.33 -23.78 -8.76
C GLN A 440 15.17 -23.77 -10.28
N ARG A 441 16.29 -23.83 -11.01
CA ARG A 441 16.22 -23.86 -12.47
C ARG A 441 15.47 -25.10 -12.95
N GLN A 442 15.87 -26.28 -12.46
CA GLN A 442 15.25 -27.53 -12.87
C GLN A 442 13.73 -27.47 -12.71
N LEU A 443 13.26 -26.98 -11.56
CA LEU A 443 11.82 -26.83 -11.37
C LEU A 443 11.20 -26.02 -12.50
N PHE A 444 11.76 -24.84 -12.78
CA PHE A 444 11.21 -23.96 -13.81
C PHE A 444 11.03 -24.72 -15.12
N GLU A 445 12.10 -25.36 -15.61
CA GLU A 445 12.07 -25.91 -16.97
C GLU A 445 11.13 -27.10 -17.08
N GLU A 446 11.03 -27.93 -16.04
CA GLU A 446 10.03 -29.00 -16.07
C GLU A 446 8.63 -28.46 -15.86
N GLN A 447 8.49 -27.39 -15.06
CA GLN A 447 7.20 -26.74 -14.91
C GLN A 447 6.74 -26.12 -16.23
N ALA A 448 7.67 -25.55 -17.00
CA ALA A 448 7.32 -24.91 -18.25
C ALA A 448 6.88 -25.91 -19.31
N LYS A 449 7.28 -27.18 -19.19
CA LYS A 449 6.76 -28.20 -20.10
C LYS A 449 5.36 -28.66 -19.71
N ALA A 450 4.98 -28.49 -18.45
CA ALA A 450 3.64 -28.86 -17.98
C ALA A 450 2.69 -27.67 -18.07
N ILE A 461 9.94 -19.51 -18.72
CA ILE A 461 10.44 -19.57 -17.35
C ILE A 461 11.19 -18.30 -17.00
N ASP A 462 11.16 -17.93 -15.71
CA ASP A 462 11.79 -16.70 -15.24
C ASP A 462 13.31 -16.86 -15.30
N GLU A 463 13.91 -16.36 -16.39
CA GLU A 463 15.35 -16.45 -16.53
C GLU A 463 16.06 -15.45 -15.62
N ASN A 464 15.48 -14.26 -15.45
CA ASN A 464 16.11 -13.24 -14.62
C ASN A 464 16.20 -13.67 -13.17
N PHE A 465 15.24 -14.45 -12.68
CA PHE A 465 15.29 -14.86 -11.29
C PHE A 465 16.31 -15.96 -11.07
N CYS A 466 16.42 -16.90 -12.01
CA CYS A 466 17.47 -17.93 -11.91
C CYS A 466 18.84 -17.27 -11.85
N THR A 467 19.08 -16.30 -12.72
CA THR A 467 20.35 -15.57 -12.68
C THR A 467 20.58 -14.96 -11.31
N ALA A 468 19.55 -14.31 -10.74
CA ALA A 468 19.70 -13.68 -9.44
C ALA A 468 20.16 -14.67 -8.39
N LEU A 469 19.61 -15.89 -8.41
CA LEU A 469 20.02 -16.89 -7.44
C LEU A 469 21.45 -17.36 -7.69
N GLU A 470 21.91 -17.27 -8.94
CA GLU A 470 23.30 -17.60 -9.24
C GLU A 470 24.29 -16.63 -8.60
N TYR A 471 23.86 -15.42 -8.25
CA TYR A 471 24.72 -14.50 -7.51
C TYR A 471 24.72 -14.80 -6.02
N GLY A 472 23.72 -15.52 -5.51
CA GLY A 472 23.75 -15.94 -4.12
C GLY A 472 22.64 -15.34 -3.29
N LEU A 473 21.59 -16.13 -3.07
CA LEU A 473 20.56 -15.83 -2.09
C LEU A 473 20.91 -16.50 -0.76
N PRO A 474 20.94 -15.77 0.35
CA PRO A 474 21.23 -16.40 1.65
C PRO A 474 20.10 -17.33 2.05
N PRO A 475 20.34 -18.22 3.02
CA PRO A 475 19.21 -18.93 3.64
C PRO A 475 18.13 -17.93 4.04
N THR A 476 16.88 -18.22 3.66
CA THR A 476 15.79 -17.29 3.81
C THR A 476 14.50 -18.04 4.16
N ALA A 477 13.60 -17.33 4.84
CA ALA A 477 12.26 -17.82 5.15
C ALA A 477 11.23 -16.86 4.57
N GLY A 478 10.18 -17.44 3.97
CA GLY A 478 9.10 -16.67 3.41
C GLY A 478 7.81 -16.79 4.21
N TRP A 479 6.93 -15.80 4.07
CA TRP A 479 5.72 -15.70 4.86
C TRP A 479 4.68 -14.94 4.07
N GLY A 480 3.46 -15.46 4.04
CA GLY A 480 2.38 -14.82 3.32
C GLY A 480 1.09 -14.92 4.10
N MET A 481 0.24 -13.89 3.93
CA MET A 481 -1.04 -13.83 4.62
C MET A 481 -2.07 -13.19 3.71
N GLY A 482 -3.24 -13.82 3.64
CA GLY A 482 -4.38 -13.22 2.97
C GLY A 482 -5.07 -12.21 3.87
N ILE A 483 -4.94 -10.93 3.55
CA ILE A 483 -5.48 -9.87 4.40
C ILE A 483 -7.00 -9.96 4.46
N ASP A 484 -7.64 -10.21 3.32
CA ASP A 484 -9.10 -10.18 3.27
C ASP A 484 -9.72 -11.21 4.20
N ARG A 485 -9.15 -12.42 4.24
CA ARG A 485 -9.66 -13.43 5.14
C ARG A 485 -9.53 -12.98 6.59
N VAL A 486 -8.36 -12.44 6.96
CA VAL A 486 -8.16 -11.98 8.33
C VAL A 486 -9.19 -10.92 8.67
N ALA A 487 -9.52 -10.05 7.70
CA ALA A 487 -10.50 -9.00 7.96
C ALA A 487 -11.89 -9.57 8.18
N MET A 488 -12.21 -10.67 7.49
CA MET A 488 -13.52 -11.30 7.69
C MET A 488 -13.62 -11.86 9.11
N PHE A 489 -12.62 -12.62 9.54
CA PHE A 489 -12.70 -13.26 10.85
C PHE A 489 -12.77 -12.22 11.97
N LEU A 490 -12.11 -11.08 11.80
CA LEU A 490 -12.08 -10.07 12.86
C LEU A 490 -13.20 -9.05 12.75
N THR A 491 -13.94 -9.00 11.63
CA THR A 491 -15.11 -8.15 11.52
C THR A 491 -16.40 -8.96 11.67
N ASP A 492 -16.31 -10.23 12.04
CA ASP A 492 -17.43 -11.15 12.10
C ASP A 492 -18.22 -11.13 10.78
N SER A 493 -17.48 -11.30 9.69
CA SER A 493 -18.04 -11.37 8.35
C SER A 493 -17.78 -12.74 7.77
N ASN A 494 -18.73 -13.25 6.99
CA ASN A 494 -18.61 -14.58 6.42
C ASN A 494 -18.68 -14.59 4.90
N ASN A 495 -18.51 -13.43 4.27
CA ASN A 495 -18.26 -13.36 2.83
C ASN A 495 -17.28 -12.22 2.57
N ILE A 496 -16.58 -12.31 1.44
CA ILE A 496 -15.52 -11.35 1.17
C ILE A 496 -16.08 -9.99 0.75
N LYS A 497 -17.32 -9.94 0.25
CA LYS A 497 -17.90 -8.67 -0.14
C LYS A 497 -18.13 -7.74 1.05
N GLU A 498 -18.18 -8.29 2.27
CA GLU A 498 -18.38 -7.44 3.44
C GLU A 498 -17.13 -6.65 3.82
N VAL A 499 -15.94 -7.13 3.44
CA VAL A 499 -14.69 -6.50 3.83
C VAL A 499 -14.00 -5.81 2.67
N LEU A 500 -14.60 -5.80 1.49
CA LEU A 500 -14.11 -5.05 0.34
C LEU A 500 -15.02 -3.84 0.14
N LEU A 501 -14.42 -2.65 0.09
CA LEU A 501 -15.22 -1.44 -0.01
C LEU A 501 -16.08 -1.43 -1.25
N PHE A 502 -15.54 -1.83 -2.39
CA PHE A 502 -16.27 -1.88 -3.67
C PHE A 502 -16.03 -3.25 -4.28
N PRO A 503 -16.71 -4.28 -3.77
CA PRO A 503 -16.47 -5.64 -4.27
C PRO A 503 -16.90 -5.79 -5.72
N ALA A 504 -16.15 -6.62 -6.45
CA ALA A 504 -16.58 -7.02 -7.78
C ALA A 504 -17.96 -7.68 -7.70
N MET A 505 -18.83 -7.33 -8.64
CA MET A 505 -20.20 -7.82 -8.65
C MET A 505 -20.59 -8.27 -10.05
N LYS A 506 -21.33 -9.38 -10.12
CA LYS A 506 -21.80 -9.87 -11.40
C LYS A 506 -22.78 -8.87 -12.02
N PRO A 507 -23.05 -9.00 -13.32
CA PRO A 507 -23.80 -7.95 -14.02
C PRO A 507 -25.20 -7.76 -13.45
N GLU A 508 -25.67 -6.51 -13.49
CA GLU A 508 -27.03 -6.18 -13.08
C GLU A 508 -28.03 -6.75 -14.07
N SER B 2 43.03 -13.39 -20.22
CA SER B 2 42.56 -13.74 -18.89
C SER B 2 41.17 -14.39 -18.93
N VAL B 3 40.59 -14.61 -17.75
CA VAL B 3 39.31 -15.29 -17.63
C VAL B 3 38.18 -14.31 -17.98
N ASP B 4 37.29 -14.73 -18.88
CA ASP B 4 36.10 -13.97 -19.24
C ASP B 4 34.91 -14.41 -18.40
N PRO B 5 33.85 -13.59 -18.36
CA PRO B 5 32.76 -13.88 -17.39
C PRO B 5 32.08 -15.22 -17.60
N ASN B 6 31.94 -15.68 -18.84
CA ASN B 6 31.26 -16.96 -19.07
C ASN B 6 32.13 -18.12 -18.58
N GLN B 7 33.43 -18.08 -18.84
CA GLN B 7 34.31 -19.15 -18.36
C GLN B 7 34.33 -19.21 -16.84
N TYR B 8 34.40 -18.05 -16.18
CA TYR B 8 34.34 -18.02 -14.72
C TYR B 8 33.09 -18.74 -14.22
N TYR B 9 31.94 -18.43 -14.82
CA TYR B 9 30.69 -19.06 -14.40
C TYR B 9 30.76 -20.57 -14.57
N LYS B 10 31.28 -21.05 -15.70
CA LYS B 10 31.32 -22.49 -15.93
C LYS B 10 32.25 -23.18 -14.93
N ILE B 11 33.41 -22.59 -14.65
CA ILE B 11 34.34 -23.16 -13.69
C ILE B 11 33.70 -23.22 -12.31
N ARG B 12 33.07 -22.11 -11.90
CA ARG B 12 32.48 -22.04 -10.56
C ARG B 12 31.32 -23.03 -10.43
N SER B 13 30.46 -23.11 -11.44
CA SER B 13 29.37 -24.08 -11.40
C SER B 13 29.91 -25.50 -11.24
N GLN B 14 30.97 -25.82 -11.98
CA GLN B 14 31.63 -27.12 -11.81
C GLN B 14 32.09 -27.30 -10.38
N ALA B 15 32.81 -26.32 -9.83
CA ALA B 15 33.32 -26.44 -8.48
C ALA B 15 32.20 -26.68 -7.47
N ILE B 16 31.08 -25.99 -7.61
CA ILE B 16 29.99 -26.11 -6.64
C ILE B 16 29.31 -27.46 -6.78
N HIS B 17 29.15 -27.95 -8.02
CA HIS B 17 28.64 -29.31 -8.22
C HIS B 17 29.56 -30.33 -7.57
N GLN B 18 30.88 -30.13 -7.72
CA GLN B 18 31.84 -31.00 -7.06
C GLN B 18 31.64 -31.01 -5.56
N LEU B 19 31.33 -29.85 -4.97
CA LEU B 19 31.09 -29.79 -3.54
C LEU B 19 29.90 -30.66 -3.15
N LYS B 20 28.85 -30.67 -3.98
CA LYS B 20 27.70 -31.52 -3.69
C LYS B 20 28.06 -33.00 -3.86
N VAL B 21 28.75 -33.33 -4.94
CA VAL B 21 29.20 -34.71 -5.13
C VAL B 21 29.96 -35.21 -3.90
N ASN B 22 30.76 -34.34 -3.30
CA ASN B 22 31.55 -34.70 -2.13
C ASN B 22 30.79 -34.56 -0.82
N GLY B 23 29.48 -34.41 -0.86
CA GLY B 23 28.70 -34.30 0.36
C GLY B 23 28.89 -33.00 1.11
N GLU B 24 29.20 -31.92 0.41
CA GLU B 24 29.45 -30.62 1.02
C GLU B 24 28.55 -29.56 0.40
N ASP B 25 27.32 -29.95 0.05
CA ASP B 25 26.36 -29.02 -0.52
C ASP B 25 26.21 -27.80 0.38
N PRO B 26 26.48 -26.59 -0.12
CA PRO B 26 26.35 -25.40 0.73
C PRO B 26 24.91 -24.96 0.93
N TYR B 27 24.05 -25.15 -0.06
CA TYR B 27 22.71 -24.57 0.02
C TYR B 27 21.88 -25.19 1.15
N PRO B 28 21.77 -26.51 1.30
CA PRO B 28 20.98 -27.06 2.41
C PRO B 28 21.48 -26.64 3.78
N HIS B 29 22.66 -26.01 3.88
CA HIS B 29 23.14 -25.52 5.15
C HIS B 29 22.22 -24.43 5.69
N LYS B 30 21.96 -24.47 6.99
CA LYS B 30 21.22 -23.43 7.68
C LYS B 30 22.15 -22.74 8.67
N PHE B 31 21.91 -21.45 8.90
CA PHE B 31 22.80 -20.65 9.72
C PHE B 31 21.97 -19.63 10.49
N HIS B 32 21.92 -19.79 11.81
CA HIS B 32 21.30 -18.80 12.67
C HIS B 32 22.34 -17.77 13.11
N VAL B 33 22.03 -16.51 12.91
CA VAL B 33 22.91 -15.42 13.30
C VAL B 33 22.62 -15.04 14.75
N ASP B 34 23.68 -14.86 15.54
CA ASP B 34 23.53 -14.43 16.92
C ASP B 34 23.45 -12.91 17.05
N ILE B 35 23.98 -12.18 16.07
CA ILE B 35 24.00 -10.72 16.14
C ILE B 35 24.24 -10.20 14.74
N SER B 36 23.65 -9.06 14.42
CA SER B 36 23.81 -8.45 13.12
C SER B 36 25.14 -7.72 13.02
N LEU B 37 25.66 -7.61 11.81
CA LEU B 37 26.90 -6.87 11.60
C LEU B 37 26.80 -5.47 12.17
N THR B 38 25.66 -4.82 11.98
CA THR B 38 25.48 -3.46 12.51
C THR B 38 25.64 -3.43 14.02
N ASP B 39 24.87 -4.26 14.73
CA ASP B 39 24.96 -4.29 16.19
C ASP B 39 26.33 -4.81 16.65
N PHE B 40 26.95 -5.68 15.86
CA PHE B 40 28.30 -6.13 16.18
C PHE B 40 29.24 -4.95 16.30
N ILE B 41 29.21 -4.05 15.31
CA ILE B 41 30.11 -2.90 15.32
C ILE B 41 29.78 -1.99 16.50
N GLN B 42 28.50 -1.73 16.73
CA GLN B 42 28.14 -0.85 17.84
C GLN B 42 28.60 -1.43 19.18
N LYS B 43 28.47 -2.74 19.35
CA LYS B 43 28.71 -3.36 20.65
C LYS B 43 30.18 -3.56 20.94
N TYR B 44 31.04 -3.68 19.93
CA TYR B 44 32.45 -3.98 20.15
C TYR B 44 33.40 -2.97 19.50
N SER B 45 32.91 -1.86 18.98
CA SER B 45 33.84 -0.90 18.39
C SER B 45 34.67 -0.17 19.44
N HIS B 46 34.27 -0.26 20.72
CA HIS B 46 35.01 0.42 21.78
C HIS B 46 36.32 -0.30 22.13
N LEU B 47 36.47 -1.54 21.72
CA LEU B 47 37.67 -2.30 22.04
C LEU B 47 38.91 -1.59 21.51
N GLN B 48 40.06 -1.95 22.08
CA GLN B 48 41.34 -1.35 21.75
C GLN B 48 42.08 -2.22 20.76
N PRO B 49 43.14 -1.69 20.12
CA PRO B 49 43.93 -2.51 19.20
C PRO B 49 44.50 -3.74 19.91
N GLY B 50 44.72 -4.79 19.12
CA GLY B 50 45.31 -6.01 19.62
C GLY B 50 44.40 -6.85 20.50
N ASP B 51 43.18 -6.38 20.78
CA ASP B 51 42.29 -7.13 21.65
C ASP B 51 41.82 -8.42 20.98
N HIS B 52 41.46 -9.40 21.82
CA HIS B 52 40.94 -10.67 21.33
C HIS B 52 40.13 -11.27 22.47
N LEU B 53 38.80 -11.31 22.30
CA LEU B 53 37.91 -11.76 23.38
C LEU B 53 37.63 -13.25 23.18
N THR B 54 38.58 -14.07 23.62
CA THR B 54 38.39 -15.51 23.56
C THR B 54 37.20 -15.98 24.40
N ASP B 55 36.67 -15.12 25.27
CA ASP B 55 35.54 -15.47 26.12
C ASP B 55 34.20 -15.37 25.41
N ILE B 56 34.15 -14.77 24.23
CA ILE B 56 32.90 -14.55 23.50
C ILE B 56 33.01 -15.20 22.13
N THR B 57 32.04 -16.06 21.81
CA THR B 57 31.89 -16.63 20.48
C THR B 57 30.55 -16.20 19.91
N LEU B 58 30.57 -15.66 18.70
CA LEU B 58 29.38 -15.10 18.08
C LEU B 58 29.28 -15.59 16.64
N LYS B 59 28.04 -15.67 16.15
CA LYS B 59 27.77 -16.05 14.77
C LYS B 59 27.26 -14.81 14.02
N VAL B 60 28.05 -14.35 13.06
CA VAL B 60 27.65 -13.26 12.17
C VAL B 60 27.54 -13.84 10.77
N ALA B 61 27.09 -13.03 9.82
CA ALA B 61 27.05 -13.47 8.43
C ALA B 61 27.04 -12.25 7.52
N GLY B 62 27.24 -12.50 6.23
CA GLY B 62 27.28 -11.44 5.25
C GLY B 62 27.84 -11.96 3.94
N ARG B 63 28.10 -11.02 3.04
CA ARG B 63 28.63 -11.34 1.72
C ARG B 63 30.10 -10.97 1.66
N ILE B 64 30.92 -11.87 1.13
CA ILE B 64 32.34 -11.58 0.95
C ILE B 64 32.49 -10.61 -0.22
N HIS B 65 33.07 -9.44 0.04
CA HIS B 65 33.40 -8.51 -1.02
C HIS B 65 34.88 -8.51 -1.38
N ALA B 66 35.77 -8.86 -0.44
CA ALA B 66 37.20 -8.87 -0.75
C ALA B 66 37.89 -9.97 0.04
N LYS B 67 38.83 -10.64 -0.61
CA LYS B 67 39.64 -11.69 0.00
C LYS B 67 41.09 -11.34 -0.24
N ARG B 68 41.85 -11.16 0.84
CA ARG B 68 43.23 -10.72 0.75
C ARG B 68 44.10 -11.67 1.58
N ALA B 69 44.87 -12.51 0.90
CA ALA B 69 45.80 -13.39 1.59
C ALA B 69 46.96 -12.60 2.15
N SER B 70 47.42 -12.98 3.34
CA SER B 70 48.55 -12.33 4.01
C SER B 70 49.50 -13.40 4.53
N GLY B 71 49.99 -14.24 3.62
CA GLY B 71 50.79 -15.39 3.99
C GLY B 71 49.98 -16.67 3.87
N GLY B 72 50.67 -17.78 4.12
CA GLY B 72 50.03 -19.08 3.96
C GLY B 72 49.01 -19.38 5.03
N LYS B 73 49.21 -18.87 6.24
CA LYS B 73 48.36 -19.23 7.37
C LYS B 73 47.38 -18.13 7.76
N LEU B 74 47.32 -17.02 7.02
CA LEU B 74 46.44 -15.92 7.38
C LEU B 74 45.75 -15.37 6.15
N ILE B 75 44.44 -15.14 6.27
CA ILE B 75 43.63 -14.62 5.18
C ILE B 75 42.68 -13.57 5.74
N PHE B 76 42.45 -12.51 4.98
CA PHE B 76 41.57 -11.42 5.37
C PHE B 76 40.38 -11.37 4.42
N TYR B 77 39.17 -11.28 4.97
CA TYR B 77 37.94 -11.20 4.20
C TYR B 77 37.22 -9.91 4.53
N ASP B 78 36.76 -9.20 3.50
CA ASP B 78 35.94 -8.01 3.67
C ASP B 78 34.48 -8.44 3.59
N LEU B 79 33.82 -8.49 4.75
CA LEU B 79 32.45 -9.00 4.86
C LEU B 79 31.48 -7.84 5.03
N ARG B 80 30.46 -7.79 4.16
CA ARG B 80 29.54 -6.67 4.15
C ARG B 80 28.09 -7.16 4.18
N GLY B 81 27.26 -6.42 4.91
CA GLY B 81 25.83 -6.66 4.95
C GLY B 81 25.13 -5.50 5.62
N GLU B 82 23.88 -5.27 5.27
CA GLU B 82 23.07 -4.25 5.95
C GLU B 82 23.66 -2.85 5.76
N GLY B 83 24.41 -2.65 4.68
CA GLY B 83 25.05 -1.38 4.42
C GLY B 83 26.27 -1.10 5.25
N VAL B 84 26.75 -2.07 6.03
CA VAL B 84 27.92 -1.91 6.88
C VAL B 84 28.92 -2.99 6.52
N LYS B 85 30.12 -2.91 7.10
CA LYS B 85 31.19 -3.84 6.79
C LYS B 85 31.94 -4.23 8.05
N LEU B 86 32.56 -5.41 7.99
CA LEU B 86 33.33 -5.95 9.11
C LEU B 86 34.39 -6.88 8.54
N GLN B 87 35.59 -6.82 9.12
CA GLN B 87 36.71 -7.62 8.65
C GLN B 87 36.72 -8.97 9.35
N VAL B 88 36.91 -10.02 8.57
CA VAL B 88 37.13 -11.36 9.10
C VAL B 88 38.62 -11.65 9.00
N MET B 89 39.28 -11.80 10.14
CA MET B 89 40.71 -12.10 10.18
C MET B 89 40.87 -13.60 10.45
N ALA B 90 40.98 -14.38 9.37
CA ALA B 90 41.06 -15.84 9.48
C ALA B 90 42.50 -16.25 9.74
N ASN B 91 42.83 -16.40 11.03
CA ASN B 91 44.14 -16.86 11.45
C ASN B 91 44.09 -18.37 11.63
N SER B 92 44.85 -19.10 10.82
CA SER B 92 44.83 -20.56 10.90
C SER B 92 45.05 -21.07 12.32
N ARG B 93 45.82 -20.32 13.12
CA ARG B 93 46.07 -20.76 14.49
C ARG B 93 44.78 -20.81 15.30
N ASN B 94 43.88 -19.84 15.08
CA ASN B 94 42.64 -19.75 15.85
C ASN B 94 41.50 -20.56 15.24
N TYR B 95 41.68 -21.10 14.05
CA TYR B 95 40.63 -21.90 13.42
C TYR B 95 40.54 -23.27 14.09
N LYS B 96 39.37 -23.90 13.95
CA LYS B 96 39.14 -25.21 14.55
C LYS B 96 40.31 -26.14 14.34
N SER B 97 40.75 -26.30 13.09
CA SER B 97 41.92 -27.09 12.77
C SER B 97 42.59 -26.50 11.54
N GLU B 98 43.90 -26.72 11.43
CA GLU B 98 44.65 -26.21 10.29
C GLU B 98 44.16 -26.82 8.98
N GLU B 99 43.80 -28.11 9.01
CA GLU B 99 43.39 -28.77 7.77
C GLU B 99 42.04 -28.27 7.29
N GLU B 100 41.09 -28.08 8.23
CA GLU B 100 39.82 -27.48 7.84
C GLU B 100 39.98 -26.04 7.41
N PHE B 101 40.95 -25.33 7.98
CA PHE B 101 41.16 -23.93 7.64
C PHE B 101 41.49 -23.78 6.16
N ILE B 102 42.46 -24.54 5.66
CA ILE B 102 42.81 -24.42 4.25
C ILE B 102 41.65 -24.89 3.38
N HIS B 103 40.95 -25.95 3.81
CA HIS B 103 39.91 -26.53 2.99
C HIS B 103 38.81 -25.51 2.68
N ILE B 104 38.39 -24.74 3.68
CA ILE B 104 37.31 -23.78 3.47
C ILE B 104 37.79 -22.56 2.70
N ASN B 105 38.99 -22.06 3.02
CA ASN B 105 39.47 -20.83 2.40
C ASN B 105 39.67 -21.01 0.90
N ASN B 106 40.01 -22.21 0.46
CA ASN B 106 40.23 -22.46 -0.96
C ASN B 106 38.93 -22.70 -1.73
N LYS B 107 37.82 -22.95 -1.04
CA LYS B 107 36.53 -22.95 -1.70
C LYS B 107 36.00 -21.53 -1.89
N LEU B 108 36.30 -20.64 -0.95
CA LEU B 108 35.66 -19.33 -0.92
C LEU B 108 36.20 -18.41 -2.00
N ARG B 109 35.30 -17.63 -2.61
CA ARG B 109 35.66 -16.65 -3.62
C ARG B 109 34.93 -15.35 -3.32
N ARG B 110 35.26 -14.32 -4.08
CA ARG B 110 34.59 -13.03 -3.92
C ARG B 110 33.10 -13.16 -4.22
N GLY B 111 32.28 -12.54 -3.38
CA GLY B 111 30.85 -12.51 -3.57
C GLY B 111 30.09 -13.62 -2.87
N ASP B 112 30.78 -14.62 -2.33
CA ASP B 112 30.11 -15.73 -1.68
C ASP B 112 29.46 -15.26 -0.37
N ILE B 113 28.28 -15.77 -0.10
CA ILE B 113 27.63 -15.57 1.19
C ILE B 113 28.19 -16.60 2.16
N ILE B 114 28.59 -16.15 3.35
CA ILE B 114 29.18 -17.05 4.33
C ILE B 114 28.65 -16.71 5.72
N GLY B 115 28.67 -17.72 6.59
CA GLY B 115 28.41 -17.54 8.01
C GLY B 115 29.71 -17.73 8.78
N VAL B 116 29.94 -16.86 9.75
CA VAL B 116 31.19 -16.84 10.51
C VAL B 116 30.87 -17.02 11.98
N GLN B 117 31.56 -17.97 12.62
CA GLN B 117 31.48 -18.19 14.05
C GLN B 117 32.85 -17.93 14.65
N GLY B 118 32.95 -16.90 15.48
CA GLY B 118 34.24 -16.54 16.02
C GLY B 118 34.13 -15.56 17.16
N ASN B 119 35.29 -15.01 17.55
CA ASN B 119 35.41 -14.09 18.66
C ASN B 119 35.61 -12.66 18.16
N PRO B 120 35.03 -11.66 18.82
CA PRO B 120 35.34 -10.26 18.48
C PRO B 120 36.81 -9.95 18.76
N GLY B 121 37.24 -8.81 18.23
CA GLY B 121 38.60 -8.37 18.44
C GLY B 121 38.96 -7.25 17.47
N LYS B 122 40.14 -6.67 17.70
CA LYS B 122 40.66 -5.61 16.85
C LYS B 122 42.14 -5.86 16.61
N THR B 123 42.55 -5.74 15.35
CA THR B 123 43.93 -6.03 14.98
C THR B 123 44.87 -4.93 15.47
N LYS B 124 46.16 -5.10 15.18
CA LYS B 124 47.15 -4.12 15.59
C LYS B 124 47.01 -2.80 14.84
N LYS B 125 46.39 -2.81 13.65
CA LYS B 125 46.19 -1.58 12.91
C LYS B 125 44.95 -0.82 13.38
N GLY B 126 44.05 -1.47 14.08
CA GLY B 126 42.87 -0.81 14.59
C GLY B 126 41.59 -1.07 13.81
N GLU B 127 41.47 -2.21 13.14
CA GLU B 127 40.25 -2.58 12.44
C GLU B 127 39.50 -3.62 13.28
N LEU B 128 38.27 -3.29 13.64
CA LEU B 128 37.42 -4.24 14.36
C LEU B 128 37.20 -5.47 13.49
N SER B 129 37.42 -6.65 14.07
CA SER B 129 37.33 -7.89 13.30
C SER B 129 36.66 -8.97 14.14
N ILE B 130 36.30 -10.06 13.46
CA ILE B 130 35.85 -11.30 14.08
C ILE B 130 36.86 -12.37 13.72
N ILE B 131 37.34 -13.10 14.72
CA ILE B 131 38.37 -14.13 14.54
C ILE B 131 37.64 -15.47 14.38
N PRO B 132 37.56 -16.03 13.17
CA PRO B 132 36.70 -17.19 12.97
C PRO B 132 37.25 -18.46 13.62
N TYR B 133 36.37 -19.16 14.34
CA TYR B 133 36.61 -20.55 14.72
C TYR B 133 36.07 -21.50 13.66
N GLU B 134 35.01 -21.10 12.95
CA GLU B 134 34.48 -21.89 11.84
C GLU B 134 33.78 -20.96 10.86
N ILE B 135 34.20 -21.02 9.60
CA ILE B 135 33.54 -20.32 8.51
C ILE B 135 32.74 -21.35 7.71
N THR B 136 31.56 -20.96 7.25
CA THR B 136 30.69 -21.84 6.49
C THR B 136 30.25 -21.17 5.21
N LEU B 137 30.43 -21.85 4.08
CA LEU B 137 29.86 -21.41 2.82
C LEU B 137 28.36 -21.65 2.84
N LEU B 138 27.58 -20.60 2.60
CA LEU B 138 26.13 -20.70 2.63
C LEU B 138 25.52 -20.66 1.23
N SER B 139 25.90 -19.68 0.42
CA SER B 139 25.44 -19.57 -0.95
C SER B 139 26.57 -18.97 -1.79
N PRO B 140 27.14 -19.72 -2.73
CA PRO B 140 28.25 -19.17 -3.52
C PRO B 140 27.78 -18.25 -4.63
N CYS B 141 28.57 -17.21 -4.88
CA CYS B 141 28.36 -16.35 -6.03
C CYS B 141 28.99 -17.01 -7.25
N LEU B 142 28.16 -17.44 -8.20
CA LEU B 142 28.66 -18.20 -9.33
C LEU B 142 29.18 -17.31 -10.46
N HIS B 143 28.84 -16.03 -10.46
CA HIS B 143 29.25 -15.12 -11.52
C HIS B 143 30.44 -14.28 -11.08
N MET B 144 31.16 -13.77 -12.08
CA MET B 144 32.26 -12.85 -11.83
C MET B 144 31.71 -11.46 -11.61
N LEU B 145 32.14 -10.83 -10.53
CA LEU B 145 31.75 -9.46 -10.22
C LEU B 145 32.81 -8.50 -10.72
N PRO B 146 32.48 -7.21 -10.86
CA PRO B 146 33.52 -6.22 -11.15
C PRO B 146 34.57 -6.21 -10.04
N HIS B 147 35.73 -5.64 -10.37
CA HIS B 147 36.78 -5.49 -9.36
C HIS B 147 36.28 -4.60 -8.23
N LEU B 148 36.94 -4.74 -7.07
CA LEU B 148 36.42 -4.18 -5.83
C LEU B 148 36.04 -2.72 -5.97
N HIS B 149 37.02 -1.85 -6.24
CA HIS B 149 36.75 -0.41 -6.22
C HIS B 149 36.05 0.07 -7.48
N PHE B 150 36.02 -0.74 -8.54
CA PHE B 150 35.12 -0.48 -9.66
C PHE B 150 33.72 -0.93 -9.28
N GLY B 151 32.80 -0.85 -10.23
CA GLY B 151 31.47 -1.33 -9.98
C GLY B 151 30.63 -1.40 -11.23
N LEU B 152 29.35 -1.08 -11.09
CA LEU B 152 28.42 -0.98 -12.20
C LEU B 152 28.03 0.49 -12.34
N LYS B 153 28.64 1.17 -13.31
CA LYS B 153 28.22 2.51 -13.66
C LYS B 153 27.20 2.51 -14.79
N ASP B 154 27.27 1.52 -15.69
CA ASP B 154 26.33 1.37 -16.79
C ASP B 154 24.90 1.35 -16.26
N LYS B 155 24.18 2.45 -16.44
CA LYS B 155 22.86 2.59 -15.83
C LYS B 155 21.93 1.46 -16.24
N GLU B 156 21.93 1.10 -17.52
CA GLU B 156 21.01 0.07 -17.99
C GLU B 156 21.21 -1.25 -17.26
N THR B 157 22.47 -1.64 -17.03
CA THR B 157 22.73 -2.87 -16.30
C THR B 157 22.26 -2.76 -14.85
N ARG B 158 22.39 -1.58 -14.25
CA ARG B 158 21.93 -1.39 -12.87
C ARG B 158 20.42 -1.56 -12.79
N TYR B 159 19.69 -1.03 -13.78
CA TYR B 159 18.23 -1.08 -13.74
C TYR B 159 17.72 -2.47 -14.04
N ARG B 160 18.36 -3.18 -14.98
CA ARG B 160 17.87 -4.51 -15.35
C ARG B 160 18.22 -5.56 -14.32
N GLN B 161 19.33 -5.39 -13.59
CA GLN B 161 19.77 -6.31 -12.55
C GLN B 161 19.90 -5.54 -11.25
N ARG B 162 18.76 -5.24 -10.62
CA ARG B 162 18.79 -4.39 -9.43
C ARG B 162 19.52 -5.06 -8.27
N TYR B 163 19.48 -6.40 -8.18
CA TYR B 163 20.20 -7.08 -7.11
C TYR B 163 21.70 -6.79 -7.19
N LEU B 164 22.26 -6.79 -8.40
CA LEU B 164 23.69 -6.53 -8.53
C LEU B 164 24.03 -5.08 -8.25
N ASP B 165 23.13 -4.16 -8.61
CA ASP B 165 23.28 -2.75 -8.24
C ASP B 165 23.31 -2.61 -6.71
N LEU B 166 22.40 -3.30 -6.02
CA LEU B 166 22.35 -3.23 -4.57
C LEU B 166 23.56 -3.88 -3.92
N ILE B 167 24.11 -4.93 -4.56
CA ILE B 167 25.30 -5.56 -4.00
C ILE B 167 26.49 -4.61 -4.03
N LEU B 168 26.65 -3.86 -5.12
CA LEU B 168 27.87 -3.10 -5.34
C LEU B 168 27.77 -1.63 -4.98
N ASN B 169 26.57 -1.04 -4.95
CA ASN B 169 26.41 0.38 -4.69
C ASN B 169 25.54 0.58 -3.46
N ASP B 170 26.12 1.17 -2.42
CA ASP B 170 25.36 1.37 -1.19
C ASP B 170 24.48 2.61 -1.24
N PHE B 171 24.84 3.62 -2.05
CA PHE B 171 23.96 4.77 -2.23
C PHE B 171 22.60 4.34 -2.78
N VAL B 172 22.53 3.16 -3.42
CA VAL B 172 21.27 2.68 -3.98
C VAL B 172 20.37 2.16 -2.87
N ARG B 173 20.95 1.47 -1.88
CA ARG B 173 20.14 1.04 -0.74
C ARG B 173 19.52 2.24 -0.04
N GLN B 174 20.32 3.28 0.20
CA GLN B 174 19.84 4.42 0.98
C GLN B 174 18.72 5.16 0.28
N LYS B 175 18.67 5.10 -1.05
CA LYS B 175 17.60 5.75 -1.79
C LYS B 175 16.25 5.10 -1.48
N PHE B 176 16.19 3.76 -1.54
CA PHE B 176 14.93 3.08 -1.30
C PHE B 176 14.57 3.04 0.18
N ILE B 177 15.55 3.20 1.06
CA ILE B 177 15.23 3.46 2.46
C ILE B 177 14.51 4.81 2.59
N ILE B 178 15.03 5.85 1.93
CA ILE B 178 14.36 7.14 1.96
C ILE B 178 12.97 7.04 1.33
N ARG B 179 12.87 6.37 0.18
CA ARG B 179 11.57 6.21 -0.46
C ARG B 179 10.55 5.65 0.52
N SER B 180 10.92 4.59 1.24
CA SER B 180 10.00 3.99 2.19
C SER B 180 9.68 4.95 3.33
N LYS B 181 10.64 5.78 3.75
CA LYS B 181 10.38 6.72 4.82
C LYS B 181 9.44 7.84 4.37
N ILE B 182 9.45 8.19 3.09
CA ILE B 182 8.49 9.17 2.57
C ILE B 182 7.07 8.64 2.71
N ILE B 183 6.83 7.43 2.21
CA ILE B 183 5.50 6.84 2.26
C ILE B 183 5.06 6.65 3.70
N THR B 184 5.93 6.11 4.54
CA THR B 184 5.59 5.88 5.94
C THR B 184 5.24 7.19 6.64
N TYR B 185 5.98 8.26 6.33
CA TYR B 185 5.71 9.54 6.97
C TYR B 185 4.34 10.09 6.56
N ILE B 186 3.97 9.94 5.29
CA ILE B 186 2.66 10.40 4.85
C ILE B 186 1.56 9.64 5.59
N ARG B 187 1.67 8.32 5.66
CA ARG B 187 0.68 7.53 6.39
C ARG B 187 0.58 8.02 7.83
N SER B 188 1.73 8.24 8.48
CA SER B 188 1.71 8.67 9.87
C SER B 188 1.07 10.05 10.02
N PHE B 189 1.39 10.97 9.11
CA PHE B 189 0.84 12.32 9.18
C PHE B 189 -0.67 12.31 9.03
N LEU B 190 -1.16 11.64 7.97
CA LEU B 190 -2.59 11.60 7.72
C LEU B 190 -3.33 10.77 8.77
N ASP B 191 -2.72 9.67 9.23
CA ASP B 191 -3.37 8.86 10.25
C ASP B 191 -3.64 9.67 11.51
N GLU B 192 -2.72 10.58 11.85
CA GLU B 192 -2.93 11.41 13.03
C GLU B 192 -4.11 12.35 12.87
N LEU B 193 -4.40 12.79 11.65
CA LEU B 193 -5.50 13.71 11.39
C LEU B 193 -6.83 13.00 11.19
N GLY B 194 -6.93 11.72 11.58
CA GLY B 194 -8.19 11.01 11.51
C GLY B 194 -8.55 10.49 10.14
N PHE B 195 -7.58 10.33 9.25
CA PHE B 195 -7.87 9.80 7.93
C PHE B 195 -7.97 8.28 7.98
N LEU B 196 -8.84 7.75 7.13
CA LEU B 196 -9.04 6.31 6.98
C LEU B 196 -8.28 5.85 5.74
N GLU B 197 -7.22 5.09 5.94
CA GLU B 197 -6.50 4.49 4.83
C GLU B 197 -7.36 3.39 4.21
N ILE B 198 -7.65 3.50 2.91
CA ILE B 198 -8.57 2.62 2.25
C ILE B 198 -7.93 2.04 0.99
N GLU B 199 -8.63 1.09 0.38
CA GLU B 199 -8.22 0.44 -0.86
C GLU B 199 -9.42 0.41 -1.79
N THR B 200 -9.24 0.88 -3.02
CA THR B 200 -10.33 0.93 -3.99
C THR B 200 -9.96 0.15 -5.24
N PRO B 201 -10.94 -0.21 -6.06
CA PRO B 201 -10.65 -1.08 -7.21
C PRO B 201 -9.62 -0.47 -8.15
N MET B 202 -8.66 -1.29 -8.55
CA MET B 202 -7.74 -0.95 -9.62
C MET B 202 -8.26 -1.37 -10.98
N MET B 203 -9.27 -2.23 -11.03
CA MET B 203 -9.87 -2.71 -12.27
C MET B 203 -11.26 -2.11 -12.38
N ASN B 204 -11.47 -1.30 -13.41
CA ASN B 204 -12.75 -0.65 -13.66
C ASN B 204 -13.39 -1.28 -14.88
N ILE B 205 -14.72 -1.16 -14.96
CA ILE B 205 -15.47 -1.62 -16.12
C ILE B 205 -15.70 -0.51 -17.14
N ILE B 206 -15.42 0.74 -16.78
CA ILE B 206 -15.51 1.87 -17.70
C ILE B 206 -14.14 2.53 -17.78
N PRO B 207 -13.65 2.87 -18.97
CA PRO B 207 -12.39 3.64 -19.05
C PRO B 207 -12.53 4.97 -18.32
N GLY B 208 -11.59 5.24 -17.42
CA GLY B 208 -11.67 6.37 -16.54
C GLY B 208 -10.89 7.57 -17.03
N GLY B 209 -11.24 8.74 -16.48
CA GLY B 209 -10.51 9.95 -16.80
C GLY B 209 -10.63 10.34 -18.25
N ALA B 210 -9.52 10.79 -18.82
CA ALA B 210 -9.47 11.22 -20.20
C ALA B 210 -8.02 11.47 -20.58
N VAL B 211 -7.75 11.46 -21.89
CA VAL B 211 -6.42 11.68 -22.44
C VAL B 211 -5.41 10.83 -21.67
N ALA B 212 -5.72 9.54 -21.51
CA ALA B 212 -4.83 8.62 -20.81
C ALA B 212 -5.10 7.22 -21.36
N LYS B 213 -4.38 6.86 -22.42
CA LYS B 213 -4.55 5.55 -23.04
C LYS B 213 -4.42 4.47 -21.96
N PRO B 214 -5.47 3.69 -21.71
CA PRO B 214 -5.43 2.78 -20.57
C PRO B 214 -5.00 1.37 -20.93
N PHE B 215 -4.56 0.62 -19.92
CA PHE B 215 -4.36 -0.82 -20.07
C PHE B 215 -5.72 -1.50 -20.05
N ILE B 216 -5.98 -2.35 -21.05
CA ILE B 216 -7.24 -3.06 -21.18
C ILE B 216 -6.97 -4.54 -20.94
N THR B 217 -7.79 -5.15 -20.09
CA THR B 217 -7.70 -6.57 -19.78
C THR B 217 -9.09 -7.17 -19.87
N TYR B 218 -9.13 -8.48 -20.12
CA TYR B 218 -10.37 -9.20 -20.38
C TYR B 218 -10.65 -10.19 -19.25
N HIS B 219 -11.84 -10.08 -18.67
CA HIS B 219 -12.27 -11.00 -17.62
C HIS B 219 -13.08 -12.13 -18.26
N ASN B 220 -12.59 -13.35 -18.11
CA ASN B 220 -13.16 -14.47 -18.87
C ASN B 220 -14.59 -14.76 -18.42
N GLU B 221 -14.79 -14.99 -17.12
CA GLU B 221 -16.10 -15.42 -16.64
C GLU B 221 -17.19 -14.40 -16.97
N LEU B 222 -16.91 -13.11 -16.74
CA LEU B 222 -17.89 -12.08 -17.02
C LEU B 222 -17.98 -11.73 -18.50
N ASP B 223 -17.09 -12.25 -19.34
CA ASP B 223 -17.10 -11.98 -20.78
C ASP B 223 -17.14 -10.48 -21.04
N MET B 224 -16.09 -9.80 -20.57
CA MET B 224 -16.14 -8.34 -20.50
C MET B 224 -14.72 -7.79 -20.39
N ASN B 225 -14.56 -6.56 -20.86
CA ASN B 225 -13.29 -5.86 -20.76
C ASN B 225 -13.26 -5.01 -19.49
N LEU B 226 -12.08 -4.95 -18.87
CA LEU B 226 -11.83 -4.11 -17.70
C LEU B 226 -10.69 -3.17 -18.02
N TYR B 227 -10.57 -2.11 -17.22
CA TYR B 227 -9.61 -1.05 -17.46
C TYR B 227 -8.86 -0.74 -16.17
N MET B 228 -7.53 -0.83 -16.23
CA MET B 228 -6.72 -0.49 -15.07
C MET B 228 -6.89 0.99 -14.72
N ARG B 229 -6.96 1.26 -13.43
CA ARG B 229 -7.29 2.61 -12.99
C ARG B 229 -6.15 3.57 -13.27
N ILE B 230 -6.50 4.86 -13.32
CA ILE B 230 -5.52 5.93 -13.34
C ILE B 230 -5.58 6.77 -12.07
N ALA B 231 -6.71 6.78 -11.35
CA ALA B 231 -6.86 7.54 -10.12
C ALA B 231 -8.00 6.94 -9.31
N PRO B 232 -7.92 6.96 -7.98
CA PRO B 232 -9.00 6.43 -7.14
C PRO B 232 -10.08 7.43 -6.77
N GLU B 233 -10.11 8.60 -7.42
CA GLU B 233 -10.84 9.76 -6.90
C GLU B 233 -12.32 9.49 -6.77
N LEU B 234 -12.95 8.94 -7.81
CA LEU B 234 -14.39 8.74 -7.77
C LEU B 234 -14.79 7.80 -6.63
N TYR B 235 -13.99 6.77 -6.38
CA TYR B 235 -14.31 5.87 -5.27
C TYR B 235 -14.19 6.59 -3.94
N HIS B 236 -13.20 7.47 -3.81
CA HIS B 236 -13.01 8.20 -2.56
C HIS B 236 -14.20 9.10 -2.25
N LYS B 237 -14.67 9.85 -3.25
CA LYS B 237 -15.79 10.75 -3.02
C LYS B 237 -17.08 10.00 -2.74
N MET B 238 -17.24 8.81 -3.32
CA MET B 238 -18.39 7.98 -2.95
C MET B 238 -18.32 7.60 -1.48
N LEU B 239 -17.12 7.45 -0.93
CA LEU B 239 -16.99 7.16 0.49
C LEU B 239 -17.23 8.39 1.34
N VAL B 240 -16.85 9.57 0.86
CA VAL B 240 -17.22 10.80 1.57
C VAL B 240 -18.73 10.96 1.59
N VAL B 241 -19.39 10.55 0.50
CA VAL B 241 -20.85 10.56 0.48
C VAL B 241 -21.39 9.63 1.55
N GLY B 242 -20.72 8.50 1.77
CA GLY B 242 -21.10 7.53 2.76
C GLY B 242 -20.79 7.89 4.18
N GLY B 243 -20.15 9.04 4.41
CA GLY B 243 -19.88 9.51 5.76
C GLY B 243 -18.45 9.33 6.24
N ILE B 244 -17.58 8.70 5.45
CA ILE B 244 -16.17 8.62 5.79
C ILE B 244 -15.52 9.93 5.32
N ASP B 245 -15.42 10.89 6.22
CA ASP B 245 -15.13 12.27 5.83
C ASP B 245 -13.67 12.49 5.45
N ARG B 246 -12.76 11.62 5.87
CA ARG B 246 -11.33 11.81 5.61
C ARG B 246 -10.74 10.47 5.18
N VAL B 247 -10.45 10.34 3.88
CA VAL B 247 -9.94 9.12 3.30
C VAL B 247 -8.67 9.42 2.53
N TYR B 248 -7.76 8.45 2.49
CA TYR B 248 -6.55 8.56 1.70
C TYR B 248 -6.16 7.18 1.21
N GLU B 249 -5.42 7.16 0.10
CA GLU B 249 -4.97 5.92 -0.52
C GLU B 249 -3.63 6.20 -1.19
N ILE B 250 -2.61 5.47 -0.77
CA ILE B 250 -1.31 5.47 -1.43
C ILE B 250 -1.26 4.17 -2.23
N GLY B 251 -1.49 4.24 -3.54
CA GLY B 251 -1.58 3.06 -4.36
C GLY B 251 -1.02 3.26 -5.75
N ARG B 252 -1.09 2.19 -6.53
CA ARG B 252 -0.51 2.14 -7.85
C ARG B 252 -1.52 2.60 -8.90
N GLN B 253 -1.02 3.38 -9.87
CA GLN B 253 -1.80 3.85 -11.00
C GLN B 253 -1.11 3.35 -12.27
N PHE B 254 -1.89 3.27 -13.35
CA PHE B 254 -1.42 2.66 -14.58
C PHE B 254 -1.73 3.57 -15.76
N ARG B 255 -0.74 3.76 -16.63
CA ARG B 255 -0.90 4.46 -17.89
C ARG B 255 -0.27 3.63 -19.00
N ASN B 256 -1.03 3.37 -20.07
CA ASN B 256 -0.49 2.70 -21.24
C ASN B 256 0.17 3.76 -22.12
N GLU B 257 1.46 4.00 -21.86
CA GLU B 257 2.17 5.13 -22.44
C GLU B 257 3.57 4.68 -22.84
N GLY B 258 4.35 5.61 -23.38
CA GLY B 258 5.73 5.30 -23.70
C GLY B 258 6.59 5.17 -22.45
N ILE B 259 7.59 4.30 -22.53
CA ILE B 259 8.49 4.00 -21.43
C ILE B 259 9.82 4.68 -21.70
N ASP B 260 10.21 5.59 -20.82
CA ASP B 260 11.49 6.27 -20.97
C ASP B 260 12.05 6.55 -19.57
N LEU B 261 13.01 7.46 -19.48
CA LEU B 261 13.70 7.71 -18.21
C LEU B 261 12.84 8.46 -17.20
N THR B 262 11.69 9.01 -17.60
CA THR B 262 10.81 9.69 -16.65
C THR B 262 9.37 9.18 -16.72
N HIS B 263 9.11 8.12 -17.47
CA HIS B 263 7.78 7.55 -17.59
C HIS B 263 7.85 6.04 -17.34
N ASN B 264 6.94 5.55 -16.51
CA ASN B 264 6.84 4.13 -16.18
C ASN B 264 5.39 3.69 -16.23
N PRO B 265 5.11 2.50 -16.78
CA PRO B 265 3.70 2.09 -16.94
C PRO B 265 2.94 2.01 -15.63
N GLU B 266 3.61 1.79 -14.51
CA GLU B 266 3.00 1.75 -13.20
C GLU B 266 3.75 2.68 -12.27
N PHE B 267 3.02 3.41 -11.44
CA PHE B 267 3.61 4.43 -10.58
C PHE B 267 2.69 4.64 -9.39
N THR B 268 3.23 5.29 -8.36
CA THR B 268 2.57 5.42 -7.07
C THR B 268 2.15 6.87 -6.85
N THR B 269 0.88 7.06 -6.51
CA THR B 269 0.35 8.37 -6.16
C THR B 269 -0.30 8.27 -4.80
N CYS B 270 -0.37 9.40 -4.09
CA CYS B 270 -1.18 9.52 -2.89
C CYS B 270 -2.29 10.53 -3.13
N GLU B 271 -3.50 10.17 -2.74
CA GLU B 271 -4.66 11.06 -2.79
C GLU B 271 -5.42 10.96 -1.48
N PHE B 272 -5.94 12.11 -1.00
CA PHE B 272 -6.83 12.14 0.16
C PHE B 272 -7.91 13.17 -0.11
N TYR B 273 -9.10 12.93 0.47
CA TYR B 273 -10.24 13.83 0.34
C TYR B 273 -10.76 14.12 1.74
N MET B 274 -11.08 15.38 1.98
CA MET B 274 -11.46 15.85 3.31
C MET B 274 -12.75 16.64 3.17
N ALA B 275 -13.84 16.14 3.74
CA ALA B 275 -15.09 16.86 3.72
C ALA B 275 -14.99 18.12 4.57
N TYR B 276 -15.72 19.16 4.16
CA TYR B 276 -15.82 20.42 4.89
C TYR B 276 -14.51 21.19 4.89
N ALA B 277 -13.72 21.02 3.82
CA ALA B 277 -12.49 21.74 3.60
C ALA B 277 -12.47 22.23 2.16
N ASP B 278 -11.75 23.32 1.92
CA ASP B 278 -11.47 23.79 0.57
C ASP B 278 -9.97 23.83 0.36
N TYR B 279 -9.56 24.20 -0.87
CA TYR B 279 -8.15 24.13 -1.23
C TYR B 279 -7.28 24.98 -0.30
N HIS B 280 -7.82 26.07 0.23
CA HIS B 280 -7.06 26.87 1.18
C HIS B 280 -6.75 26.08 2.45
N ASP B 281 -7.75 25.36 2.98
CA ASP B 281 -7.54 24.57 4.18
C ASP B 281 -6.42 23.56 3.99
N LEU B 282 -6.33 22.99 2.79
CA LEU B 282 -5.31 21.99 2.51
C LEU B 282 -3.94 22.61 2.27
N MET B 283 -3.84 23.94 2.16
CA MET B 283 -2.55 24.57 1.97
C MET B 283 -1.69 24.47 3.22
N GLU B 284 -2.26 24.79 4.39
CA GLU B 284 -1.51 24.67 5.63
C GLU B 284 -1.18 23.21 5.91
N ILE B 285 -2.03 22.28 5.48
CA ILE B 285 -1.76 20.86 5.73
C ILE B 285 -0.59 20.39 4.87
N THR B 286 -0.63 20.73 3.57
CA THR B 286 0.47 20.37 2.69
C THR B 286 1.80 20.96 3.17
N GLU B 287 1.78 22.22 3.61
CA GLU B 287 3.00 22.86 4.09
C GLU B 287 3.59 22.10 5.26
N LYS B 288 2.78 21.83 6.28
CA LYS B 288 3.29 21.13 7.45
C LYS B 288 3.78 19.74 7.09
N MET B 289 3.02 19.02 6.26
CA MET B 289 3.40 17.65 5.92
C MET B 289 4.71 17.60 5.16
N VAL B 290 4.90 18.51 4.19
CA VAL B 290 6.08 18.46 3.34
C VAL B 290 7.31 18.97 4.09
N SER B 291 7.19 20.11 4.75
CA SER B 291 8.30 20.64 5.52
C SER B 291 8.73 19.66 6.61
N GLY B 292 7.76 19.13 7.38
CA GLY B 292 8.09 18.18 8.41
C GLY B 292 8.70 16.90 7.85
N MET B 293 8.18 16.44 6.72
CA MET B 293 8.74 15.26 6.07
C MET B 293 10.21 15.46 5.74
N VAL B 294 10.53 16.56 5.05
CA VAL B 294 11.91 16.78 4.62
C VAL B 294 12.85 16.84 5.82
N LYS B 295 12.48 17.64 6.83
CA LYS B 295 13.34 17.76 8.00
C LYS B 295 13.49 16.43 8.72
N HIS B 296 12.39 15.71 8.92
CA HIS B 296 12.46 14.47 9.68
C HIS B 296 13.35 13.45 8.99
N ILE B 297 13.15 13.25 7.69
CA ILE B 297 13.87 12.22 6.97
C ILE B 297 15.34 12.60 6.82
N THR B 298 15.62 13.87 6.50
CA THR B 298 16.98 14.28 6.16
C THR B 298 17.70 15.03 7.28
N GLY B 299 16.98 15.54 8.27
CA GLY B 299 17.59 16.22 9.39
C GLY B 299 17.62 17.73 9.29
N SER B 300 17.25 18.30 8.14
CA SER B 300 17.18 19.75 8.00
C SER B 300 16.11 20.11 6.99
N TYR B 301 15.76 21.40 6.96
CA TYR B 301 14.84 21.90 5.93
C TYR B 301 15.53 22.11 4.58
N LYS B 302 16.86 22.14 4.57
CA LYS B 302 17.63 22.48 3.38
C LYS B 302 18.08 21.20 2.68
N VAL B 303 17.74 21.08 1.40
CA VAL B 303 18.13 19.94 0.58
C VAL B 303 18.91 20.45 -0.62
N THR B 304 19.87 19.64 -1.07
CA THR B 304 20.62 19.90 -2.29
C THR B 304 20.16 18.94 -3.37
N TYR B 305 19.86 19.46 -4.56
CA TYR B 305 19.36 18.66 -5.66
C TYR B 305 20.19 18.94 -6.92
N HIS B 306 20.50 17.88 -7.66
CA HIS B 306 21.28 17.96 -8.90
C HIS B 306 20.41 17.54 -10.08
N PRO B 307 19.71 18.49 -10.72
CA PRO B 307 18.77 18.09 -11.79
C PRO B 307 19.45 17.59 -13.05
N ASP B 308 20.77 17.75 -13.18
CA ASP B 308 21.49 17.29 -14.37
C ASP B 308 22.59 16.29 -14.04
N GLY B 309 22.60 15.73 -12.83
CA GLY B 309 23.61 14.77 -12.46
C GLY B 309 24.58 15.32 -11.44
N PRO B 310 25.37 14.43 -10.82
CA PRO B 310 26.31 14.88 -9.79
C PRO B 310 27.25 15.97 -10.26
N GLU B 311 27.74 15.89 -11.51
CA GLU B 311 28.61 16.92 -12.06
C GLU B 311 27.79 17.96 -12.82
N GLY B 312 26.83 18.55 -12.10
CA GLY B 312 25.99 19.59 -12.64
C GLY B 312 25.71 20.65 -11.58
N GLN B 313 24.99 21.68 -11.99
CA GLN B 313 24.61 22.74 -11.07
C GLN B 313 23.85 22.15 -9.88
N ALA B 314 24.27 22.52 -8.69
CA ALA B 314 23.63 22.11 -7.45
C ALA B 314 22.69 23.21 -6.97
N TYR B 315 21.42 22.87 -6.77
CA TYR B 315 20.43 23.81 -6.28
C TYR B 315 20.21 23.60 -4.79
N ASP B 316 20.03 24.71 -4.07
CA ASP B 316 19.70 24.68 -2.65
C ASP B 316 18.20 24.93 -2.53
N VAL B 317 17.45 23.90 -2.17
CA VAL B 317 16.00 23.98 -2.01
C VAL B 317 15.67 24.05 -0.52
N ASP B 318 14.95 25.09 -0.12
CA ASP B 318 14.73 25.41 1.29
C ASP B 318 13.25 25.20 1.63
N PHE B 319 12.97 24.14 2.40
CA PHE B 319 11.61 23.81 2.82
C PHE B 319 11.20 24.51 4.11
N THR B 320 11.97 25.49 4.57
CA THR B 320 11.61 26.18 5.80
C THR B 320 10.24 26.82 5.67
N PRO B 321 9.32 26.58 6.62
CA PRO B 321 8.02 27.24 6.54
C PRO B 321 8.13 28.70 6.92
N PRO B 322 7.23 29.57 6.39
CA PRO B 322 6.12 29.24 5.48
C PRO B 322 6.56 29.21 4.02
N PHE B 323 5.92 28.39 3.18
CA PHE B 323 6.24 28.37 1.77
C PHE B 323 5.75 29.65 1.09
N ARG B 324 6.44 30.06 0.03
CA ARG B 324 6.01 31.21 -0.76
C ARG B 324 4.68 30.89 -1.44
N ARG B 325 3.78 31.85 -1.40
CA ARG B 325 2.46 31.72 -2.01
C ARG B 325 2.29 32.82 -3.06
N ILE B 326 1.85 32.43 -4.26
CA ILE B 326 1.58 33.38 -5.33
C ILE B 326 0.27 33.00 -6.01
N ASN B 327 -0.53 34.01 -6.32
CA ASN B 327 -1.71 33.83 -7.17
C ASN B 327 -1.29 33.99 -8.62
N MET B 328 -1.72 33.05 -9.46
CA MET B 328 -1.13 32.90 -10.79
C MET B 328 -1.17 34.20 -11.59
N VAL B 329 -2.37 34.75 -11.80
CA VAL B 329 -2.54 35.85 -12.75
C VAL B 329 -1.80 37.09 -12.25
N GLU B 330 -1.98 37.42 -10.98
CA GLU B 330 -1.38 38.65 -10.45
C GLU B 330 0.14 38.60 -10.56
N GLU B 331 0.76 37.52 -10.09
CA GLU B 331 2.22 37.42 -10.17
C GLU B 331 2.68 37.36 -11.62
N LEU B 332 1.92 36.72 -12.51
CA LEU B 332 2.24 36.79 -13.93
C LEU B 332 2.19 38.22 -14.43
N GLU B 333 1.22 39.01 -13.96
CA GLU B 333 1.18 40.43 -14.33
C GLU B 333 2.40 41.16 -13.80
N LYS B 334 2.80 40.88 -12.56
CA LYS B 334 3.96 41.57 -11.99
C LYS B 334 5.25 41.11 -12.64
N ALA B 335 5.33 39.85 -13.06
CA ALA B 335 6.56 39.37 -13.69
C ALA B 335 6.70 39.92 -15.10
N LEU B 336 5.62 39.88 -15.88
CA LEU B 336 5.64 40.46 -17.22
C LEU B 336 5.64 41.97 -17.19
N GLY B 337 5.32 42.58 -16.06
CA GLY B 337 5.27 44.03 -15.95
C GLY B 337 4.14 44.67 -16.73
N MET B 338 2.94 44.10 -16.64
CA MET B 338 1.82 44.66 -17.39
C MET B 338 0.52 44.06 -16.87
N LYS B 339 -0.57 44.76 -17.17
CA LYS B 339 -1.92 44.32 -16.84
C LYS B 339 -2.44 43.41 -17.93
N LEU B 340 -3.07 42.31 -17.53
CA LEU B 340 -3.70 41.36 -18.45
C LEU B 340 -5.20 41.59 -18.49
N PRO B 341 -5.89 41.01 -19.47
CA PRO B 341 -7.35 41.13 -19.49
C PRO B 341 -7.99 40.62 -18.21
N GLU B 342 -9.15 41.19 -17.88
CA GLU B 342 -9.89 40.74 -16.72
C GLU B 342 -10.24 39.26 -16.86
N THR B 343 -10.26 38.55 -15.73
CA THR B 343 -10.25 37.09 -15.77
C THR B 343 -11.52 36.53 -16.41
N ASN B 344 -12.64 37.25 -16.35
CA ASN B 344 -13.85 36.75 -16.98
C ASN B 344 -13.75 36.72 -18.50
N LEU B 345 -12.76 37.40 -19.08
CA LEU B 345 -12.66 37.55 -20.53
C LEU B 345 -11.61 36.64 -21.15
N PHE B 346 -11.19 35.59 -20.44
CA PHE B 346 -10.14 34.73 -20.97
C PHE B 346 -10.60 33.78 -22.05
N GLU B 347 -11.88 33.78 -22.41
CA GLU B 347 -12.40 32.92 -23.47
C GLU B 347 -12.63 33.67 -24.78
N THR B 348 -12.17 34.90 -24.88
CA THR B 348 -12.44 35.73 -26.05
C THR B 348 -11.23 35.77 -26.98
N GLU B 349 -11.52 35.86 -28.28
CA GLU B 349 -10.46 35.95 -29.27
C GLU B 349 -9.58 37.17 -29.04
N GLU B 350 -10.15 38.22 -28.44
CA GLU B 350 -9.37 39.43 -28.17
C GLU B 350 -8.30 39.17 -27.12
N THR B 351 -8.63 38.35 -26.11
CA THR B 351 -7.62 38.01 -25.11
C THR B 351 -6.54 37.11 -25.70
N ARG B 352 -6.92 36.22 -26.62
CA ARG B 352 -5.93 35.33 -27.23
C ARG B 352 -4.92 36.13 -28.03
N LYS B 353 -5.35 37.20 -28.70
CA LYS B 353 -4.42 38.02 -29.46
C LYS B 353 -3.50 38.82 -28.55
N ILE B 354 -4.03 39.31 -27.42
CA ILE B 354 -3.20 40.03 -26.47
C ILE B 354 -2.09 39.14 -25.95
N LEU B 355 -2.42 37.88 -25.63
CA LEU B 355 -1.41 36.95 -25.13
C LEU B 355 -0.44 36.55 -26.23
N ASP B 356 -0.95 36.35 -27.46
CA ASP B 356 -0.08 36.06 -28.58
C ASP B 356 0.91 37.20 -28.80
N ASP B 357 0.41 38.43 -28.82
CA ASP B 357 1.31 39.58 -28.95
C ASP B 357 2.33 39.61 -27.83
N ILE B 358 1.96 39.15 -26.63
CA ILE B 358 2.88 39.16 -25.50
C ILE B 358 3.94 38.09 -25.67
N CYS B 359 3.52 36.86 -25.99
CA CYS B 359 4.47 35.77 -26.18
C CYS B 359 5.52 36.14 -27.23
N VAL B 360 5.08 36.74 -28.33
CA VAL B 360 6.02 37.15 -29.38
C VAL B 360 6.97 38.21 -28.84
N ALA B 361 6.42 39.21 -28.14
CA ALA B 361 7.24 40.34 -27.71
C ALA B 361 8.32 39.92 -26.72
N LYS B 362 8.07 38.87 -25.94
CA LYS B 362 9.02 38.40 -24.94
C LYS B 362 9.64 37.07 -25.32
N ALA B 363 9.59 36.70 -26.59
CA ALA B 363 10.26 35.50 -27.10
C ALA B 363 9.88 34.27 -26.27
N VAL B 364 8.59 34.13 -25.98
CA VAL B 364 8.07 32.93 -25.34
C VAL B 364 7.56 32.04 -26.46
N GLU B 365 8.40 31.12 -26.90
CA GLU B 365 8.02 30.21 -27.96
C GLU B 365 6.75 29.46 -27.58
N CYS B 366 5.82 29.37 -28.51
CA CYS B 366 4.62 28.56 -28.33
C CYS B 366 4.30 27.81 -29.61
N PRO B 367 4.22 26.48 -29.58
CA PRO B 367 3.94 25.74 -30.81
C PRO B 367 2.46 25.79 -31.15
N PRO B 368 2.11 26.04 -32.41
CA PRO B 368 0.70 25.95 -32.82
C PRO B 368 0.08 24.64 -32.35
N PRO B 369 -1.17 24.66 -31.88
CA PRO B 369 -2.12 25.79 -31.88
C PRO B 369 -1.86 26.80 -30.76
N ARG B 370 -1.84 28.09 -31.09
CA ARG B 370 -1.59 29.14 -30.11
C ARG B 370 -2.91 29.62 -29.48
N THR B 371 -3.57 28.69 -28.79
CA THR B 371 -4.79 29.02 -28.07
C THR B 371 -4.46 29.76 -26.78
N THR B 372 -5.51 30.26 -26.12
CA THR B 372 -5.30 30.98 -24.87
C THR B 372 -4.75 30.07 -23.78
N ALA B 373 -5.32 28.87 -23.65
CA ALA B 373 -4.88 27.95 -22.59
C ALA B 373 -3.40 27.61 -22.74
N ARG B 374 -2.96 27.34 -23.98
CA ARG B 374 -1.57 26.97 -24.19
C ARG B 374 -0.65 28.19 -24.14
N LEU B 375 -1.11 29.33 -24.65
CA LEU B 375 -0.30 30.56 -24.54
C LEU B 375 -0.05 30.91 -23.09
N LEU B 376 -1.08 30.81 -22.24
CA LEU B 376 -0.90 31.12 -20.82
C LEU B 376 0.00 30.11 -20.13
N ASP B 377 -0.07 28.84 -20.52
CA ASP B 377 0.74 27.82 -19.86
C ASP B 377 2.23 28.08 -20.08
N LYS B 378 2.60 28.50 -21.30
CA LYS B 378 4.01 28.74 -21.59
C LYS B 378 4.50 30.01 -20.92
N LEU B 379 3.70 31.07 -20.92
CA LEU B 379 4.07 32.28 -20.20
C LEU B 379 4.27 31.99 -18.72
N VAL B 380 3.38 31.18 -18.13
CA VAL B 380 3.49 30.86 -16.72
C VAL B 380 4.73 30.03 -16.45
N GLY B 381 5.03 29.07 -17.33
CA GLY B 381 6.19 28.23 -17.12
C GLY B 381 7.49 29.01 -17.11
N GLU B 382 7.60 30.00 -18.00
CA GLU B 382 8.85 30.74 -18.16
C GLU B 382 8.97 31.92 -17.21
N PHE B 383 7.87 32.39 -16.61
CA PHE B 383 7.92 33.53 -15.71
C PHE B 383 7.62 33.19 -14.26
N LEU B 384 6.93 32.07 -14.00
CA LEU B 384 6.63 31.66 -12.63
C LEU B 384 7.22 30.30 -12.31
N GLU B 385 6.84 29.25 -13.04
CA GLU B 385 7.19 27.89 -12.61
C GLU B 385 8.70 27.70 -12.50
N VAL B 386 9.47 28.27 -13.44
CA VAL B 386 10.92 28.10 -13.38
C VAL B 386 11.55 28.94 -12.29
N THR B 387 10.79 29.84 -11.67
CA THR B 387 11.29 30.61 -10.54
C THR B 387 11.19 29.84 -9.23
N CYS B 388 10.38 28.78 -9.20
CA CYS B 388 10.03 28.10 -7.95
C CYS B 388 11.06 27.01 -7.67
N ILE B 389 12.20 27.44 -7.13
CA ILE B 389 13.21 26.51 -6.64
C ILE B 389 12.80 25.96 -5.29
N ASN B 390 12.54 26.84 -4.33
CA ASN B 390 11.99 26.45 -3.05
C ASN B 390 10.54 26.03 -3.22
N PRO B 391 10.00 25.24 -2.29
CA PRO B 391 8.57 24.90 -2.35
C PRO B 391 7.71 26.16 -2.45
N THR B 392 6.83 26.19 -3.45
CA THR B 392 6.03 27.38 -3.73
C THR B 392 4.62 27.00 -4.15
N PHE B 393 3.62 27.57 -3.46
CA PHE B 393 2.22 27.41 -3.84
C PHE B 393 1.89 28.37 -4.99
N ILE B 394 1.42 27.82 -6.11
CA ILE B 394 0.89 28.61 -7.22
C ILE B 394 -0.61 28.35 -7.30
N CYS B 395 -1.43 29.40 -7.14
CA CYS B 395 -2.85 29.18 -6.91
C CYS B 395 -3.73 29.97 -7.86
N ASP B 396 -5.01 29.57 -7.88
CA ASP B 396 -6.08 30.28 -8.59
C ASP B 396 -5.80 30.32 -10.10
N HIS B 397 -5.44 29.18 -10.66
CA HIS B 397 -5.20 29.12 -12.10
C HIS B 397 -6.50 29.40 -12.85
N PRO B 398 -6.43 30.09 -14.00
CA PRO B 398 -7.64 30.33 -14.79
C PRO B 398 -8.27 29.02 -15.25
N GLN B 399 -9.56 29.09 -15.59
CA GLN B 399 -10.30 27.89 -15.96
C GLN B 399 -9.91 27.41 -17.34
N ILE B 400 -9.70 28.33 -18.28
CA ILE B 400 -9.29 27.97 -19.63
C ILE B 400 -8.18 26.92 -19.59
N MET B 401 -7.32 26.97 -18.57
CA MET B 401 -6.31 25.97 -18.33
C MET B 401 -6.93 24.79 -17.57
N PRO B 403 -11.81 22.80 -16.23
CA PRO B 403 -11.84 21.42 -15.73
C PRO B 403 -13.15 21.07 -15.04
N LEU B 404 -13.33 19.81 -14.67
CA LEU B 404 -14.42 19.42 -13.78
C LEU B 404 -14.09 19.72 -12.33
N ALA B 405 -13.45 20.87 -12.08
CA ALA B 405 -12.93 21.21 -10.76
C ALA B 405 -13.95 21.99 -9.94
N LYS B 406 -13.90 23.32 -10.03
CA LYS B 406 -14.80 24.18 -9.27
C LYS B 406 -14.35 25.64 -9.41
N GLU B 412 -15.23 33.46 -10.64
CA GLU B 412 -14.85 34.63 -11.41
C GLU B 412 -13.81 34.26 -12.46
N GLY B 413 -14.01 33.10 -13.07
CA GLY B 413 -13.13 32.62 -14.11
C GLY B 413 -11.85 31.99 -13.63
N LEU B 414 -11.65 31.88 -12.32
CA LEU B 414 -10.45 31.30 -11.74
C LEU B 414 -10.82 30.08 -10.90
N THR B 415 -10.19 28.95 -11.20
CA THR B 415 -10.49 27.71 -10.51
C THR B 415 -9.81 27.68 -9.16
N GLU B 416 -10.48 27.11 -8.17
CA GLU B 416 -9.95 27.07 -6.81
C GLU B 416 -9.01 25.89 -6.67
N ARG B 417 -7.71 26.14 -6.89
CA ARG B 417 -6.71 25.10 -6.68
C ARG B 417 -5.39 25.74 -6.31
N PHE B 418 -4.47 24.91 -5.80
CA PHE B 418 -3.08 25.27 -5.65
C PHE B 418 -2.22 24.11 -6.12
N GLU B 419 -1.15 24.43 -6.83
CA GLU B 419 -0.09 23.49 -7.17
C GLU B 419 1.14 23.86 -6.36
N LEU B 420 1.73 22.89 -5.68
CA LEU B 420 2.99 23.08 -4.99
C LEU B 420 4.12 22.71 -5.93
N PHE B 421 4.96 23.68 -6.27
CA PHE B 421 6.10 23.48 -7.16
C PHE B 421 7.37 23.41 -6.34
N VAL B 422 8.20 22.41 -6.63
CA VAL B 422 9.55 22.30 -6.10
C VAL B 422 10.49 22.03 -7.26
N MET B 423 11.64 22.70 -7.26
CA MET B 423 12.61 22.56 -8.34
C MET B 423 11.92 22.69 -9.71
N LYS B 424 11.03 23.67 -9.81
CA LYS B 424 10.40 24.09 -11.05
C LYS B 424 9.35 23.11 -11.56
N LYS B 425 8.90 22.17 -10.73
CA LYS B 425 7.94 21.17 -11.16
C LYS B 425 6.95 20.89 -10.05
N GLU B 426 5.74 20.49 -10.44
CA GLU B 426 4.66 20.23 -9.49
C GLU B 426 4.89 18.89 -8.80
N ILE B 427 4.93 18.91 -7.47
CA ILE B 427 4.99 17.68 -6.70
C ILE B 427 3.63 17.28 -6.13
N CYS B 428 2.69 18.21 -6.01
CA CYS B 428 1.36 17.87 -5.52
C CYS B 428 0.40 19.01 -5.80
N ASN B 429 -0.89 18.67 -5.85
CA ASN B 429 -1.93 19.63 -6.16
C ASN B 429 -3.18 19.32 -5.37
N ALA B 430 -4.02 20.34 -5.21
CA ALA B 430 -5.24 20.25 -4.44
C ALA B 430 -6.32 21.08 -5.13
N TYR B 431 -7.55 20.58 -5.07
CA TYR B 431 -8.71 21.23 -5.66
C TYR B 431 -9.82 21.30 -4.62
N THR B 432 -10.66 22.34 -4.73
CA THR B 432 -11.99 22.29 -4.14
C THR B 432 -12.87 21.42 -5.01
N GLU B 433 -13.51 20.42 -4.42
CA GLU B 433 -14.28 19.46 -5.21
C GLU B 433 -15.66 19.99 -5.57
N LEU B 434 -16.17 19.51 -6.69
CA LEU B 434 -17.52 19.82 -7.12
C LEU B 434 -18.49 18.79 -6.54
N ASN B 435 -19.60 19.28 -6.00
CA ASN B 435 -20.61 18.40 -5.41
C ASN B 435 -22.00 18.61 -5.99
N ASP B 436 -22.16 19.47 -6.98
CA ASP B 436 -23.43 19.62 -7.66
C ASP B 436 -23.67 18.42 -8.57
N PRO B 437 -24.62 17.54 -8.27
CA PRO B 437 -24.81 16.36 -9.13
C PRO B 437 -25.29 16.73 -10.53
N MET B 438 -26.21 17.69 -10.65
CA MET B 438 -26.70 18.08 -11.97
C MET B 438 -25.56 18.56 -12.85
N ARG B 439 -24.63 19.34 -12.28
CA ARG B 439 -23.47 19.78 -13.05
C ARG B 439 -22.63 18.58 -13.49
N GLN B 440 -22.15 17.80 -12.52
CA GLN B 440 -21.22 16.71 -12.82
C GLN B 440 -21.75 15.80 -13.91
N ARG B 441 -23.06 15.52 -13.91
CA ARG B 441 -23.60 14.63 -14.92
C ARG B 441 -23.33 15.15 -16.33
N GLN B 442 -23.44 16.47 -16.52
CA GLN B 442 -23.17 17.05 -17.83
C GLN B 442 -21.69 17.15 -18.13
N LEU B 443 -20.87 17.38 -17.10
CA LEU B 443 -19.43 17.58 -17.32
C LEU B 443 -18.76 16.29 -17.80
N PHE B 444 -19.31 15.13 -17.45
CA PHE B 444 -18.77 13.87 -17.94
C PHE B 444 -19.06 13.67 -19.43
N GLU B 445 -19.84 14.55 -20.05
CA GLU B 445 -20.18 14.44 -21.47
C GLU B 445 -19.17 15.20 -22.34
N GLU B 446 -17.90 14.93 -22.05
CA GLU B 446 -16.76 15.37 -22.85
C GLU B 446 -16.11 14.13 -23.44
N GLN B 447 -15.83 14.15 -24.74
CA GLN B 447 -15.49 12.92 -25.43
C GLN B 447 -14.54 13.18 -26.61
N ALA B 448 -14.15 12.09 -27.27
CA ALA B 448 -13.27 12.15 -28.42
C ALA B 448 -13.92 11.41 -29.60
N PHE B 460 -16.21 7.67 -21.29
CA PHE B 460 -17.64 7.46 -21.07
C PHE B 460 -18.08 8.19 -19.79
N ILE B 461 -19.31 7.92 -19.37
CA ILE B 461 -19.91 8.57 -18.21
C ILE B 461 -20.12 7.54 -17.11
N ASP B 462 -19.69 7.88 -15.89
CA ASP B 462 -19.84 6.99 -14.74
C ASP B 462 -21.17 7.31 -14.06
N GLU B 463 -22.23 6.62 -14.49
CA GLU B 463 -23.55 6.88 -13.94
C GLU B 463 -23.66 6.42 -12.49
N ASN B 464 -22.88 5.42 -12.09
CA ASN B 464 -22.86 5.04 -10.68
C ASN B 464 -22.37 6.18 -9.81
N PHE B 465 -21.31 6.87 -10.24
CA PHE B 465 -20.81 7.98 -9.45
C PHE B 465 -21.76 9.17 -9.49
N CYS B 466 -22.42 9.40 -10.62
CA CYS B 466 -23.41 10.46 -10.68
C CYS B 466 -24.55 10.20 -9.71
N THR B 467 -24.97 8.94 -9.59
CA THR B 467 -26.03 8.61 -8.64
C THR B 467 -25.59 8.85 -7.21
N ALA B 468 -24.35 8.51 -6.87
CA ALA B 468 -23.86 8.70 -5.51
C ALA B 468 -23.90 10.17 -5.12
N LEU B 469 -23.50 11.06 -6.03
CA LEU B 469 -23.56 12.48 -5.74
C LEU B 469 -24.99 12.95 -5.52
N GLU B 470 -25.96 12.30 -6.16
CA GLU B 470 -27.36 12.63 -5.97
C GLU B 470 -27.85 12.30 -4.56
N TYR B 471 -27.12 11.49 -3.80
CA TYR B 471 -27.41 11.28 -2.39
C TYR B 471 -26.80 12.35 -1.50
N GLY B 472 -25.88 13.15 -2.03
CA GLY B 472 -25.34 14.26 -1.28
C GLY B 472 -23.90 14.09 -0.85
N LEU B 473 -23.00 14.78 -1.54
CA LEU B 473 -21.61 14.93 -1.12
C LEU B 473 -21.44 16.26 -0.42
N PRO B 474 -20.88 16.30 0.79
CA PRO B 474 -20.64 17.59 1.45
C PRO B 474 -19.59 18.40 0.71
N PRO B 475 -19.46 19.70 1.00
CA PRO B 475 -18.29 20.44 0.47
C PRO B 475 -17.01 19.67 0.76
N THR B 476 -16.23 19.35 -0.27
CA THR B 476 -15.06 18.49 -0.13
C THR B 476 -13.87 19.09 -0.88
N ALA B 477 -12.67 18.73 -0.43
CA ALA B 477 -11.42 19.17 -1.04
C ALA B 477 -10.53 17.96 -1.31
N GLY B 478 -9.98 17.88 -2.53
CA GLY B 478 -9.12 16.80 -2.91
C GLY B 478 -7.66 17.22 -2.97
N TRP B 479 -6.77 16.23 -2.89
CA TRP B 479 -5.34 16.46 -2.80
C TRP B 479 -4.61 15.28 -3.40
N GLY B 480 -3.64 15.55 -4.27
CA GLY B 480 -2.93 14.50 -4.97
C GLY B 480 -1.45 14.76 -5.13
N MET B 481 -0.64 13.72 -4.98
CA MET B 481 0.80 13.82 -5.06
C MET B 481 1.39 12.61 -5.75
N GLY B 482 2.36 12.86 -6.62
CA GLY B 482 3.14 11.80 -7.22
C GLY B 482 4.28 11.35 -6.33
N ILE B 483 4.18 10.16 -5.76
CA ILE B 483 5.20 9.71 -4.82
C ILE B 483 6.56 9.62 -5.49
N ASP B 484 6.57 9.17 -6.76
CA ASP B 484 7.83 8.91 -7.44
C ASP B 484 8.64 10.18 -7.63
N ARG B 485 8.00 11.26 -8.09
CA ARG B 485 8.73 12.51 -8.26
C ARG B 485 9.29 12.99 -6.93
N VAL B 486 8.49 12.90 -5.86
CA VAL B 486 8.96 13.36 -4.56
C VAL B 486 10.17 12.55 -4.11
N ALA B 487 10.12 11.22 -4.34
CA ALA B 487 11.25 10.37 -3.98
C ALA B 487 12.48 10.75 -4.79
N MET B 488 12.29 11.15 -6.05
CA MET B 488 13.40 11.60 -6.87
C MET B 488 14.07 12.83 -6.25
N PHE B 489 13.28 13.82 -5.88
CA PHE B 489 13.85 15.07 -5.38
C PHE B 489 14.58 14.85 -4.06
N LEU B 490 14.17 13.87 -3.26
CA LEU B 490 14.76 13.63 -1.96
C LEU B 490 15.86 12.58 -1.96
N THR B 491 16.04 11.86 -3.07
CA THR B 491 17.16 10.94 -3.23
C THR B 491 18.24 11.51 -4.15
N ASP B 492 18.14 12.78 -4.52
CA ASP B 492 19.00 13.40 -5.53
C ASP B 492 19.09 12.54 -6.79
N SER B 493 17.92 12.13 -7.27
CA SER B 493 17.78 11.35 -8.50
C SER B 493 17.10 12.22 -9.56
N ASN B 494 17.48 12.02 -10.82
CA ASN B 494 16.95 12.83 -11.91
C ASN B 494 16.33 12.00 -13.02
N ASN B 495 16.14 10.70 -12.81
CA ASN B 495 15.26 9.88 -13.64
C ASN B 495 14.44 9.00 -12.71
N ILE B 496 13.34 8.46 -13.23
CA ILE B 496 12.40 7.73 -12.39
C ILE B 496 12.87 6.31 -12.12
N LYS B 497 13.71 5.74 -12.99
CA LYS B 497 14.21 4.39 -12.77
C LYS B 497 15.07 4.29 -11.51
N GLU B 498 15.63 5.41 -11.06
CA GLU B 498 16.46 5.38 -9.86
C GLU B 498 15.66 5.15 -8.60
N VAL B 499 14.38 5.52 -8.58
CA VAL B 499 13.54 5.41 -7.39
C VAL B 499 12.53 4.28 -7.51
N LEU B 500 12.54 3.52 -8.60
CA LEU B 500 11.71 2.34 -8.77
C LEU B 500 12.61 1.11 -8.63
N LEU B 501 12.22 0.18 -7.75
CA LEU B 501 13.06 -0.99 -7.51
C LEU B 501 13.27 -1.78 -8.80
N PHE B 502 12.21 -2.04 -9.54
CA PHE B 502 12.27 -2.81 -10.79
C PHE B 502 11.57 -2.01 -11.88
N PRO B 503 12.24 -0.99 -12.42
CA PRO B 503 11.59 -0.19 -13.47
C PRO B 503 11.33 -0.99 -14.73
N ALA B 504 10.26 -0.61 -15.43
CA ALA B 504 10.01 -1.13 -16.77
C ALA B 504 11.17 -0.76 -17.68
N MET B 505 11.61 -1.71 -18.50
CA MET B 505 12.71 -1.51 -19.42
C MET B 505 12.35 -2.05 -20.79
N LYS B 506 12.73 -1.33 -21.83
CA LYS B 506 12.45 -1.75 -23.19
C LYS B 506 13.05 -3.13 -23.45
N PRO B 507 12.54 -3.84 -24.46
CA PRO B 507 12.98 -5.22 -24.68
C PRO B 507 14.47 -5.29 -24.96
N GLU B 508 15.10 -6.37 -24.48
CA GLU B 508 16.52 -6.59 -24.70
C GLU B 508 16.76 -7.62 -25.79
#